data_8Y0Q
#
_entry.id   8Y0Q
#
_cell.length_a   1.00
_cell.length_b   1.00
_cell.length_c   1.00
_cell.angle_alpha   90.00
_cell.angle_beta   90.00
_cell.angle_gamma   90.00
#
_symmetry.space_group_name_H-M   'P 1'
#
loop_
_entity.id
_entity.type
_entity.pdbx_description
1 polymer 'VP1 of capsid protein'
2 polymer 'VP2 of capsid protein'
3 polymer 'VP3 of capsid protein'
4 polymer 'VP4 of capsid protein'
5 polymer 'pOA2 VH'
6 polymer 'pOA2 VL'
#
loop_
_entity_poly.entity_id
_entity_poly.type
_entity_poly.pdbx_seq_one_letter_code
_entity_poly.pdbx_strand_id
1 'polypeptide(L)'
;TTSAGESADPVTTTVENYGGETQAQRRQHTDVTFILDRFVKVKPQEEINVLDLMQIPAHTLVGALLRTATYYFSDLELAV
KHEGDLTWVPNGAPEAALDNTTNPTAYHKEPLTRLALPYTAPHRVLATVYNGSNKYGDTSTNNVRGDLHVLAKNAERTLP
TSFNYGAIKATRVTELLYRMKRAETYCPRPLLAIQPSTARHKQKIVAPVKQLL
;
1
2 'polypeptide(L)'
;DKKTEETTLLEDRILTTRNGHTTSTTQSSVGVTYGYATAEDFVSGPNTSGLETRVVQAERFFKTHLFDWGTNDSFGRCHL
LELPTDHKGVYGSLTDSYAYMRNGWDVEVTAVGNQFNGGCLLVAMVPELCSITKRELYQLTLFPHQFINPRTNMTAHITV
PYLGVNRYDQYKVHKPWTLVVTVVAPLTVKNEGAPQIKVYANIAPTNVYVAGELPSKE
;
2
3 'polypeptide(L)'
;GIFPVACSDGYGGLVTTDPKTADPVYGKVFNPPRNLLPGRFTNLLDVAEACPTFLRFDSDVPYVTTKTDSDRKLVQFDLS
LAAKHMSNTFLAGLAQYYTQYSGTINLHFMFTGPTDAKARYMVAYAPPGMEPPTTPEAAAHCIHAEWDTGLNSKFTFSIP
YLSAADYAYTASDVAETTNVQGWVCLFQITHGKADGDALVVLASAGKDFDLRLPVDARAQ
;
3
4 'polypeptide(L)'
;GAGQSSPTTGSQNQSGNTGSIINNYYMQQYQNSMDTQLGDNAISGGSNEGSTDTTSTHTNNTQNNDWFSKLANTAFSGLF
GALLA
;
4
5 'polypeptide(L)'
;EEKVVESGGGLVQPGGSLRLSCVGSGFNFKNYEINWVRQAPGKALEWLAYITQTSDFIYYADSVKGRFTISRDNSRNTAY
LQMNNLRTEDTARYFCTRAGLTGCKSRHCMYVWGPGAEVVVSS
;
H
6 'polypeptide(L)'
;QTVIQEPAMSVSLGGTVTLTCGFISGSVTGTNYPSWFQQTPGQPPRLLIYYANSRPTEVPSRFSGAISGNKAALTITGAQ
AEDEADYFCCLYKTNNNILFGGGTHLTVL
;
L
#
# COMPACT_ATOMS: atom_id res chain seq x y z
N THR A 1 25.62 6.43 10.18
CA THR A 1 24.69 7.52 10.45
C THR A 1 23.41 7.01 11.09
N THR A 2 23.04 7.60 12.22
CA THR A 2 21.80 7.27 12.91
C THR A 2 20.83 8.44 12.79
N SER A 3 19.54 8.13 12.72
CA SER A 3 18.51 9.16 12.63
C SER A 3 17.22 8.59 13.23
N ALA A 4 16.17 9.41 13.20
CA ALA A 4 14.91 9.02 13.80
C ALA A 4 14.28 7.84 13.08
N GLY A 5 14.16 7.91 11.75
CA GLY A 5 13.61 6.85 10.97
C GLY A 5 12.10 6.87 10.83
N GLU A 6 11.39 7.40 11.83
CA GLU A 6 9.94 7.47 11.74
C GLU A 6 9.50 8.45 10.66
N SER A 7 10.15 9.60 10.58
CA SER A 7 9.79 10.60 9.58
C SER A 7 10.24 10.15 8.19
N ALA A 8 9.57 10.70 7.18
CA ALA A 8 9.92 10.45 5.79
C ALA A 8 11.03 11.34 5.29
N ASP A 9 11.74 12.01 6.18
CA ASP A 9 12.85 12.85 5.75
C ASP A 9 13.95 11.98 5.15
N PRO A 10 14.38 12.27 3.92
CA PRO A 10 15.42 11.43 3.30
C PRO A 10 16.72 11.49 4.09
N VAL A 11 17.31 10.33 4.33
CA VAL A 11 18.61 10.23 4.97
C VAL A 11 19.48 9.40 4.02
N THR A 12 20.20 10.07 3.14
CA THR A 12 21.12 9.42 2.23
C THR A 12 22.54 9.62 2.75
N THR A 13 23.29 8.54 2.85
CA THR A 13 24.67 8.57 3.31
C THR A 13 25.60 8.25 2.16
N THR A 14 26.88 8.53 2.38
CA THR A 14 27.90 8.33 1.36
C THR A 14 29.06 7.56 1.96
N VAL A 15 29.97 7.13 1.08
CA VAL A 15 31.10 6.31 1.49
C VAL A 15 32.14 7.07 2.31
N GLU A 16 32.14 8.41 2.27
CA GLU A 16 33.03 9.16 3.14
C GLU A 16 32.79 8.87 4.63
N ASN A 17 31.69 8.21 4.97
CA ASN A 17 31.51 7.78 6.36
C ASN A 17 32.61 6.85 6.82
N TYR A 18 33.22 6.10 5.91
CA TYR A 18 34.32 5.22 6.25
C TYR A 18 35.50 5.39 5.30
N GLY A 19 35.78 6.63 4.92
CA GLY A 19 37.00 6.96 4.22
C GLY A 19 36.93 6.94 2.70
N GLY A 20 35.77 6.66 2.12
CA GLY A 20 35.65 6.64 0.68
C GLY A 20 35.49 8.01 0.08
N GLU A 21 35.21 8.04 -1.22
CA GLU A 21 34.95 9.27 -1.96
C GLU A 21 33.76 9.07 -2.88
N THR A 22 32.82 10.01 -2.86
CA THR A 22 31.68 9.94 -3.74
C THR A 22 32.08 10.35 -5.16
N GLN A 23 31.59 9.58 -6.14
CA GLN A 23 31.92 9.80 -7.53
C GLN A 23 30.84 10.65 -8.21
N ALA A 24 31.07 10.96 -9.48
CA ALA A 24 30.11 11.73 -10.25
C ALA A 24 28.90 10.88 -10.62
N GLN A 25 27.79 11.55 -10.88
CA GLN A 25 26.56 10.90 -11.30
C GLN A 25 26.23 11.30 -12.73
N ARG A 26 25.82 10.32 -13.54
CA ARG A 26 25.42 10.53 -14.93
C ARG A 26 24.04 9.91 -15.09
N ARG A 27 23.00 10.71 -14.82
CA ARG A 27 21.63 10.22 -14.71
C ARG A 27 20.74 10.69 -15.85
N GLN A 28 21.31 10.88 -17.05
CA GLN A 28 20.49 11.32 -18.18
C GLN A 28 19.62 10.21 -18.74
N HIS A 29 19.93 8.94 -18.46
CA HIS A 29 19.13 7.83 -18.96
C HIS A 29 17.92 7.52 -18.09
N THR A 30 17.81 8.11 -16.91
CA THR A 30 16.64 7.94 -16.07
C THR A 30 15.76 9.18 -16.07
N ASP A 31 16.05 10.15 -16.94
CA ASP A 31 15.18 11.30 -17.10
C ASP A 31 13.83 10.87 -17.64
N VAL A 32 12.76 11.44 -17.09
CA VAL A 32 11.40 11.00 -17.44
C VAL A 32 11.12 11.29 -18.91
N THR A 33 11.46 12.48 -19.38
CA THR A 33 11.19 12.85 -20.76
C THR A 33 11.99 11.99 -21.73
N PHE A 34 13.24 11.69 -21.38
CA PHE A 34 14.08 10.92 -22.29
C PHE A 34 13.62 9.47 -22.38
N ILE A 35 13.36 8.83 -21.24
CA ILE A 35 13.09 7.40 -21.23
C ILE A 35 11.75 7.08 -21.87
N LEU A 36 10.75 7.94 -21.71
CA LEU A 36 9.43 7.68 -22.27
C LEU A 36 9.35 8.04 -23.76
N ASP A 37 10.37 8.69 -24.31
CA ASP A 37 10.34 9.13 -25.70
C ASP A 37 10.93 8.05 -26.61
N ARG A 38 10.14 7.01 -26.80
CA ARG A 38 10.50 5.91 -27.69
C ARG A 38 9.23 5.14 -28.05
N PHE A 39 9.24 4.52 -29.23
CA PHE A 39 8.06 3.83 -29.72
C PHE A 39 7.83 2.54 -28.96
N VAL A 40 6.59 2.30 -28.56
CA VAL A 40 6.18 1.04 -27.93
C VAL A 40 4.98 0.50 -28.68
N LYS A 41 4.98 -0.82 -28.92
CA LYS A 41 3.93 -1.45 -29.69
C LYS A 41 2.73 -1.78 -28.81
N VAL A 42 1.53 -1.50 -29.32
CA VAL A 42 0.30 -1.83 -28.62
C VAL A 42 -0.54 -2.73 -29.53
N LYS A 43 -1.42 -3.50 -28.91
CA LYS A 43 -2.28 -4.39 -29.67
C LYS A 43 -3.32 -3.59 -30.43
N PRO A 44 -3.40 -3.72 -31.75
CA PRO A 44 -4.37 -2.92 -32.52
C PRO A 44 -5.70 -3.62 -32.71
N GLN A 45 -6.77 -2.84 -32.61
CA GLN A 45 -8.08 -3.33 -32.97
C GLN A 45 -8.25 -3.31 -34.49
N GLU A 46 -9.29 -3.97 -34.96
CA GLU A 46 -9.46 -4.18 -36.40
C GLU A 46 -9.68 -2.86 -37.14
N GLU A 47 -10.66 -2.07 -36.71
CA GLU A 47 -10.98 -0.83 -37.40
C GLU A 47 -10.77 0.41 -36.54
N ILE A 48 -11.41 0.51 -35.37
CA ILE A 48 -11.38 1.72 -34.56
C ILE A 48 -10.47 1.47 -33.37
N ASN A 49 -9.50 2.36 -33.19
CA ASN A 49 -8.56 2.29 -32.08
C ASN A 49 -8.59 3.61 -31.32
N VAL A 50 -9.16 3.60 -30.12
CA VAL A 50 -9.14 4.76 -29.26
C VAL A 50 -7.75 4.88 -28.64
N LEU A 51 -7.14 6.06 -28.78
CA LEU A 51 -5.76 6.26 -28.36
C LEU A 51 -5.72 6.55 -26.87
N ASP A 52 -5.56 5.50 -26.08
CA ASP A 52 -5.41 5.59 -24.64
C ASP A 52 -4.03 5.08 -24.26
N LEU A 53 -3.28 5.87 -23.50
CA LEU A 53 -1.93 5.46 -23.12
C LEU A 53 -1.92 4.27 -22.18
N MET A 54 -3.06 3.89 -21.62
CA MET A 54 -3.14 2.68 -20.82
C MET A 54 -3.24 1.43 -21.68
N GLN A 55 -3.41 1.58 -22.99
CA GLN A 55 -3.38 0.43 -23.89
C GLN A 55 -1.98 -0.15 -24.00
N ILE A 56 -0.97 0.59 -23.60
CA ILE A 56 0.41 0.06 -23.57
C ILE A 56 0.50 -1.02 -22.51
N PRO A 57 0.97 -2.22 -22.84
CA PRO A 57 1.04 -3.29 -21.84
C PRO A 57 1.93 -2.91 -20.67
N ALA A 58 1.53 -3.36 -19.48
CA ALA A 58 2.23 -2.98 -18.26
C ALA A 58 3.62 -3.59 -18.15
N HIS A 59 3.91 -4.64 -18.91
CA HIS A 59 5.21 -5.29 -18.82
C HIS A 59 6.26 -4.64 -19.71
N THR A 60 5.87 -3.78 -20.65
CA THR A 60 6.84 -3.07 -21.47
C THR A 60 7.53 -1.98 -20.66
N LEU A 61 8.65 -1.50 -21.18
CA LEU A 61 9.38 -0.43 -20.52
C LEU A 61 8.52 0.83 -20.41
N VAL A 62 7.96 1.27 -21.53
CA VAL A 62 7.19 2.51 -21.54
C VAL A 62 5.93 2.36 -20.69
N GLY A 63 5.24 1.23 -20.82
CA GLY A 63 4.03 1.03 -20.04
C GLY A 63 4.30 1.01 -18.54
N ALA A 64 5.32 0.27 -18.13
CA ALA A 64 5.65 0.19 -16.71
C ALA A 64 6.10 1.54 -16.16
N LEU A 65 6.92 2.28 -16.91
CA LEU A 65 7.40 3.55 -16.39
C LEU A 65 6.31 4.62 -16.42
N LEU A 66 5.36 4.51 -17.36
CA LEU A 66 4.22 5.40 -17.34
C LEU A 66 3.31 5.10 -16.16
N ARG A 67 3.14 3.82 -15.83
CA ARG A 67 2.30 3.44 -14.70
C ARG A 67 2.93 3.79 -13.36
N THR A 68 4.18 4.25 -13.34
CA THR A 68 4.77 4.75 -12.10
C THR A 68 4.30 6.15 -11.75
N ALA A 69 3.56 6.82 -12.63
CA ALA A 69 3.05 8.15 -12.38
C ALA A 69 1.55 8.09 -12.13
N THR A 70 1.09 8.77 -11.09
CA THR A 70 -0.35 8.91 -10.88
C THR A 70 -0.97 9.77 -11.96
N TYR A 71 -0.33 10.89 -12.31
CA TYR A 71 -0.80 11.78 -13.35
C TYR A 71 0.32 12.02 -14.35
N TYR A 72 -0.07 12.23 -15.61
CA TYR A 72 0.91 12.44 -16.66
C TYR A 72 0.37 13.40 -17.69
N PHE A 73 1.27 14.09 -18.36
CA PHE A 73 0.96 14.90 -19.53
C PHE A 73 2.00 14.62 -20.60
N SER A 74 1.55 14.53 -21.85
CA SER A 74 2.47 14.36 -22.97
C SER A 74 1.71 14.58 -24.27
N ASP A 75 2.43 14.97 -25.31
CA ASP A 75 1.94 14.88 -26.67
C ASP A 75 2.23 13.49 -27.21
N LEU A 76 1.49 13.09 -28.25
CA LEU A 76 1.56 11.73 -28.73
C LEU A 76 2.10 11.67 -30.14
N GLU A 77 2.79 10.57 -30.45
CA GLU A 77 3.23 10.27 -31.80
C GLU A 77 2.80 8.86 -32.16
N LEU A 78 2.37 8.67 -33.40
CA LEU A 78 1.89 7.38 -33.87
C LEU A 78 2.72 6.92 -35.05
N ALA A 79 3.05 5.62 -35.06
CA ALA A 79 3.56 4.93 -36.23
C ALA A 79 2.57 3.83 -36.55
N VAL A 80 1.85 3.97 -37.66
CA VAL A 80 0.70 3.12 -37.94
C VAL A 80 0.90 2.43 -39.28
N LYS A 81 0.76 1.11 -39.31
CA LYS A 81 0.62 0.36 -40.55
C LYS A 81 -0.85 0.10 -40.79
N HIS A 82 -1.36 0.53 -41.93
CA HIS A 82 -2.78 0.47 -42.19
C HIS A 82 -3.01 0.28 -43.69
N GLU A 83 -4.23 -0.15 -44.02
CA GLU A 83 -4.68 -0.24 -45.39
C GLU A 83 -5.81 0.77 -45.60
N GLY A 84 -5.78 1.43 -46.75
CA GLY A 84 -6.71 2.51 -46.98
C GLY A 84 -6.20 3.83 -46.41
N ASP A 85 -7.12 4.66 -45.96
CA ASP A 85 -6.81 5.95 -45.38
C ASP A 85 -7.02 5.93 -43.87
N LEU A 86 -6.08 6.52 -43.15
CA LEU A 86 -6.13 6.57 -41.69
C LEU A 86 -6.65 7.93 -41.26
N THR A 87 -7.78 7.95 -40.56
CA THR A 87 -8.42 9.17 -40.11
C THR A 87 -8.29 9.28 -38.60
N TRP A 88 -7.87 10.44 -38.12
CA TRP A 88 -7.75 10.70 -36.69
C TRP A 88 -8.79 11.73 -36.26
N VAL A 89 -9.31 11.54 -35.05
CA VAL A 89 -10.33 12.41 -34.49
C VAL A 89 -9.94 12.77 -33.05
N PRO A 90 -10.06 14.03 -32.65
CA PRO A 90 -9.79 14.39 -31.25
C PRO A 90 -10.86 13.85 -30.33
N ASN A 91 -10.56 13.83 -29.03
CA ASN A 91 -11.51 13.28 -28.10
C ASN A 91 -12.68 14.23 -27.89
N GLY A 92 -13.78 13.67 -27.39
CA GLY A 92 -15.02 14.41 -27.26
C GLY A 92 -15.83 14.46 -28.54
N ALA A 93 -15.38 13.83 -29.60
CA ALA A 93 -16.10 13.82 -30.86
C ALA A 93 -16.73 12.47 -31.12
N PRO A 94 -17.89 12.43 -31.75
CA PRO A 94 -18.57 11.15 -31.98
C PRO A 94 -17.78 10.24 -32.92
N GLU A 95 -17.96 8.94 -32.74
CA GLU A 95 -17.25 7.97 -33.56
C GLU A 95 -17.65 8.06 -35.04
N ALA A 96 -18.85 8.56 -35.34
CA ALA A 96 -19.25 8.74 -36.73
C ALA A 96 -18.29 9.67 -37.47
N ALA A 97 -17.69 10.62 -36.74
CA ALA A 97 -16.74 11.53 -37.36
C ALA A 97 -15.53 10.80 -37.92
N LEU A 98 -15.27 9.56 -37.49
CA LEU A 98 -14.18 8.79 -38.06
C LEU A 98 -14.43 8.38 -39.50
N ASP A 99 -15.63 8.55 -40.02
CA ASP A 99 -15.91 8.26 -41.42
C ASP A 99 -15.75 9.47 -42.32
N ASN A 100 -15.41 10.63 -41.78
CA ASN A 100 -15.30 11.86 -42.54
C ASN A 100 -13.83 12.21 -42.72
N THR A 101 -13.44 12.46 -43.96
CA THR A 101 -12.03 12.70 -44.29
C THR A 101 -11.61 14.15 -44.16
N THR A 102 -12.53 15.06 -43.82
CA THR A 102 -12.12 16.42 -43.48
C THR A 102 -11.34 16.44 -42.18
N ASN A 103 -11.62 15.51 -41.27
CA ASN A 103 -10.79 15.32 -40.11
C ASN A 103 -9.41 14.82 -40.55
N PRO A 104 -8.36 15.04 -39.74
CA PRO A 104 -7.01 14.69 -40.19
C PRO A 104 -6.92 13.27 -40.71
N THR A 105 -6.70 13.15 -42.02
CA THR A 105 -6.68 11.87 -42.71
C THR A 105 -5.34 11.71 -43.42
N ALA A 106 -4.67 10.60 -43.15
CA ALA A 106 -3.38 10.30 -43.77
C ALA A 106 -3.61 9.27 -44.87
N TYR A 107 -3.32 9.64 -46.10
CA TYR A 107 -3.45 8.73 -47.22
C TYR A 107 -2.29 7.74 -47.22
N HIS A 108 -2.57 6.51 -47.66
CA HIS A 108 -1.62 5.41 -47.64
C HIS A 108 -0.26 5.79 -48.19
N LYS A 109 0.77 5.72 -47.34
CA LYS A 109 2.10 6.18 -47.72
C LYS A 109 2.94 5.15 -48.46
N GLU A 110 3.43 4.13 -47.74
CA GLU A 110 3.98 2.89 -48.29
C GLU A 110 4.36 1.95 -47.15
N PRO A 111 5.40 2.24 -46.32
CA PRO A 111 5.68 1.30 -45.23
C PRO A 111 4.83 1.55 -43.99
N LEU A 112 4.62 2.81 -43.66
CA LEU A 112 3.83 3.19 -42.50
C LEU A 112 3.39 4.64 -42.57
N THR A 113 2.86 5.16 -41.47
CA THR A 113 2.43 6.54 -41.39
C THR A 113 2.80 7.07 -40.02
N ARG A 114 3.63 8.10 -39.98
CA ARG A 114 4.09 8.73 -38.76
C ARG A 114 3.34 10.03 -38.56
N LEU A 115 2.71 10.17 -37.40
CA LEU A 115 1.89 11.32 -37.09
C LEU A 115 2.29 11.90 -35.74
N ALA A 116 2.17 13.21 -35.61
CA ALA A 116 2.40 13.92 -34.35
C ALA A 116 1.09 14.57 -33.94
N LEU A 117 0.42 13.97 -32.96
CA LEU A 117 -0.86 14.42 -32.43
C LEU A 117 -0.66 15.16 -31.11
N PRO A 118 -1.38 16.27 -30.93
CA PRO A 118 -1.28 17.03 -29.69
C PRO A 118 -2.18 16.45 -28.60
N TYR A 119 -2.02 17.01 -27.41
CA TYR A 119 -2.82 16.65 -26.25
C TYR A 119 -4.15 17.40 -26.32
N THR A 120 -5.23 16.68 -26.55
CA THR A 120 -6.55 17.29 -26.76
C THR A 120 -7.51 17.05 -25.60
N ALA A 121 -7.06 16.47 -24.50
CA ALA A 121 -7.95 16.17 -23.40
C ALA A 121 -8.45 17.45 -22.73
N PRO A 122 -9.66 17.42 -22.17
CA PRO A 122 -10.18 18.60 -21.48
C PRO A 122 -9.62 18.80 -20.07
N HIS A 123 -8.77 17.89 -19.61
CA HIS A 123 -8.16 17.98 -18.29
C HIS A 123 -6.74 18.52 -18.40
N ARG A 124 -6.27 19.12 -17.31
CA ARG A 124 -4.90 19.62 -17.30
C ARG A 124 -3.90 18.48 -17.37
N VAL A 125 -4.19 17.36 -16.70
CA VAL A 125 -3.36 16.16 -16.77
C VAL A 125 -4.28 14.95 -16.83
N LEU A 126 -3.74 13.85 -17.34
CA LEU A 126 -4.42 12.57 -17.35
C LEU A 126 -3.87 11.68 -16.24
N ALA A 127 -4.67 10.70 -15.84
CA ALA A 127 -4.35 9.84 -14.71
C ALA A 127 -4.22 8.40 -15.16
N THR A 128 -3.25 7.69 -14.59
CA THR A 128 -3.15 6.25 -14.78
C THR A 128 -4.09 5.49 -13.86
N VAL A 129 -4.48 6.07 -12.74
CA VAL A 129 -5.41 5.47 -11.79
C VAL A 129 -6.43 6.53 -11.39
N TYR A 130 -7.70 6.13 -11.34
CA TYR A 130 -8.78 7.03 -10.98
C TYR A 130 -9.70 6.32 -10.00
N ASN A 131 -10.00 6.98 -8.88
CA ASN A 131 -10.81 6.41 -7.81
C ASN A 131 -12.28 6.79 -7.94
N GLY A 132 -12.80 6.87 -9.15
CA GLY A 132 -14.21 7.18 -9.36
C GLY A 132 -15.12 6.07 -8.90
N THR A 158 -11.11 1.01 -14.17
CA THR A 158 -11.72 1.61 -15.36
C THR A 158 -11.64 3.14 -15.27
N LEU A 159 -10.86 3.73 -16.17
CA LEU A 159 -10.67 5.16 -16.21
C LEU A 159 -11.86 5.85 -16.87
N PRO A 160 -12.06 7.15 -16.60
CA PRO A 160 -13.11 7.88 -17.30
C PRO A 160 -12.84 7.93 -18.80
N THR A 161 -13.92 8.04 -19.57
CA THR A 161 -13.83 7.99 -21.02
C THR A 161 -13.11 9.20 -21.61
N SER A 162 -12.90 10.27 -20.83
CA SER A 162 -12.21 11.44 -21.33
C SER A 162 -10.69 11.34 -21.23
N PHE A 163 -10.17 10.24 -20.71
CA PHE A 163 -8.72 10.04 -20.61
C PHE A 163 -8.20 9.37 -21.88
N ASN A 164 -8.24 10.11 -22.97
CA ASN A 164 -7.78 9.59 -24.25
C ASN A 164 -7.22 10.72 -25.09
N TYR A 165 -6.42 10.35 -26.07
CA TYR A 165 -5.86 11.27 -27.04
C TYR A 165 -6.67 11.34 -28.32
N GLY A 166 -7.82 10.69 -28.35
CA GLY A 166 -8.62 10.63 -29.56
C GLY A 166 -8.76 9.21 -30.06
N ALA A 167 -9.15 9.06 -31.33
CA ALA A 167 -9.31 7.74 -31.93
C ALA A 167 -8.88 7.80 -33.38
N ILE A 168 -8.45 6.65 -33.91
CA ILE A 168 -8.10 6.53 -35.31
C ILE A 168 -8.89 5.37 -35.91
N LYS A 169 -9.13 5.46 -37.22
CA LYS A 169 -9.85 4.43 -37.94
C LYS A 169 -9.21 4.21 -39.30
N ALA A 170 -9.22 2.97 -39.75
CA ALA A 170 -8.76 2.62 -41.09
C ALA A 170 -9.47 1.34 -41.51
N THR A 171 -9.25 0.94 -42.76
CA THR A 171 -9.84 -0.31 -43.24
C THR A 171 -9.34 -1.49 -42.43
N ARG A 172 -8.03 -1.53 -42.16
CA ARG A 172 -7.48 -2.48 -41.20
C ARG A 172 -6.16 -1.94 -40.68
N VAL A 173 -6.04 -1.83 -39.37
CA VAL A 173 -4.80 -1.40 -38.73
C VAL A 173 -4.06 -2.65 -38.28
N THR A 174 -2.85 -2.85 -38.81
CA THR A 174 -2.06 -4.04 -38.51
C THR A 174 -1.00 -3.80 -37.45
N GLU A 175 -0.34 -2.65 -37.47
CA GLU A 175 0.69 -2.32 -36.50
C GLU A 175 0.45 -0.90 -35.99
N LEU A 176 0.48 -0.74 -34.67
CA LEU A 176 0.24 0.56 -34.04
C LEU A 176 1.28 0.76 -32.95
N LEU A 177 1.95 1.92 -32.97
CA LEU A 177 2.99 2.25 -32.02
C LEU A 177 2.71 3.61 -31.40
N TYR A 178 2.97 3.73 -30.10
CA TYR A 178 2.81 4.98 -29.37
C TYR A 178 4.17 5.55 -29.02
N ARG A 179 4.23 6.87 -28.85
CA ARG A 179 5.46 7.54 -28.46
C ARG A 179 5.08 8.84 -27.76
N MET A 180 5.34 8.91 -26.45
CA MET A 180 5.03 10.10 -25.67
C MET A 180 6.09 11.17 -25.90
N LYS A 181 5.65 12.40 -26.15
CA LYS A 181 6.52 13.54 -26.34
C LYS A 181 6.30 14.55 -25.22
N ARG A 182 7.37 15.17 -24.74
CA ARG A 182 7.31 16.16 -23.66
C ARG A 182 6.62 15.58 -22.42
N ALA A 183 6.94 14.34 -22.10
CA ALA A 183 6.25 13.64 -21.01
C ALA A 183 6.58 14.28 -19.67
N GLU A 184 5.55 14.52 -18.88
CA GLU A 184 5.67 15.01 -17.50
C GLU A 184 4.93 14.04 -16.60
N THR A 185 5.46 13.81 -15.41
CA THR A 185 4.93 12.80 -14.51
C THR A 185 4.85 13.34 -13.09
N TYR A 186 3.84 12.87 -12.34
CA TYR A 186 3.58 13.35 -11.00
C TYR A 186 3.21 12.18 -10.09
N CYS A 187 3.59 12.29 -8.81
CA CYS A 187 3.19 11.37 -7.75
C CYS A 187 3.60 9.94 -8.02
N PRO A 188 4.88 9.60 -7.84
CA PRO A 188 5.36 8.26 -8.20
C PRO A 188 4.60 7.15 -7.50
N ARG A 189 4.48 6.03 -8.21
CA ARG A 189 3.71 4.86 -7.80
C ARG A 189 4.61 3.64 -7.81
N PRO A 190 4.21 2.56 -7.14
CA PRO A 190 5.07 1.37 -7.07
C PRO A 190 5.41 0.80 -8.43
N LEU A 191 6.64 0.29 -8.54
CA LEU A 191 7.17 -0.30 -9.76
C LEU A 191 7.82 -1.63 -9.40
N LEU A 192 7.18 -2.73 -9.81
CA LEU A 192 7.56 -4.06 -9.35
C LEU A 192 8.35 -4.81 -10.42
N ALA A 193 9.40 -5.49 -9.98
CA ALA A 193 10.22 -6.34 -10.85
C ALA A 193 9.75 -7.79 -10.74
N ILE A 194 10.39 -8.67 -11.51
CA ILE A 194 10.09 -10.09 -11.45
C ILE A 194 10.62 -10.65 -10.14
N GLN A 195 9.76 -11.36 -9.40
CA GLN A 195 10.15 -11.95 -8.13
C GLN A 195 10.66 -13.36 -8.38
N PRO A 196 11.94 -13.63 -8.22
CA PRO A 196 12.45 -14.98 -8.47
C PRO A 196 12.12 -15.93 -7.34
N SER A 197 12.10 -17.22 -7.67
CA SER A 197 11.95 -18.27 -6.68
C SER A 197 13.29 -18.77 -6.16
N THR A 198 14.38 -18.46 -6.84
CA THR A 198 15.73 -18.84 -6.43
C THR A 198 16.38 -17.69 -5.67
N ALA A 199 17.68 -17.81 -5.43
CA ALA A 199 18.40 -16.77 -4.69
C ALA A 199 18.39 -15.45 -5.46
N ARG A 200 18.58 -15.50 -6.77
CA ARG A 200 18.48 -14.29 -7.59
C ARG A 200 18.01 -14.65 -8.99
N HIS A 201 17.44 -13.66 -9.66
CA HIS A 201 16.85 -13.88 -10.98
C HIS A 201 17.94 -14.08 -12.02
N LYS A 202 17.96 -15.26 -12.64
CA LYS A 202 18.95 -15.62 -13.64
C LYS A 202 18.37 -15.45 -15.03
N GLN A 203 19.15 -14.82 -15.91
CA GLN A 203 18.75 -14.60 -17.29
C GLN A 203 19.91 -14.96 -18.21
N LYS A 204 19.57 -15.35 -19.43
CA LYS A 204 20.58 -15.67 -20.44
C LYS A 204 21.03 -14.36 -21.07
N ILE A 205 22.13 -13.81 -20.58
CA ILE A 205 22.65 -12.53 -21.06
C ILE A 205 23.39 -12.75 -22.36
N VAL A 206 23.26 -11.80 -23.29
CA VAL A 206 23.91 -11.91 -24.59
C VAL A 206 25.42 -11.93 -24.40
N ALA A 207 26.09 -12.86 -25.07
CA ALA A 207 27.53 -13.03 -24.94
C ALA A 207 28.04 -13.67 -26.23
N PRO A 208 29.27 -13.37 -26.64
CA PRO A 208 29.80 -13.96 -27.86
C PRO A 208 29.88 -15.48 -27.77
N VAL A 209 29.65 -16.13 -28.90
CA VAL A 209 29.68 -17.58 -28.97
C VAL A 209 31.03 -18.05 -29.50
N ARG B 13 9.57 16.56 22.61
CA ARG B 13 9.10 16.70 21.24
C ARG B 13 7.63 17.07 21.21
N ILE B 14 7.29 18.18 21.86
CA ILE B 14 5.90 18.61 21.97
C ILE B 14 5.51 19.41 20.72
N LEU B 15 4.42 19.01 20.08
CA LEU B 15 3.89 19.69 18.92
C LEU B 15 2.40 19.90 19.09
N THR B 16 1.95 21.13 18.89
CA THR B 16 0.55 21.50 18.98
C THR B 16 0.09 22.01 17.62
N THR B 17 -0.95 21.39 17.07
CA THR B 17 -1.55 21.83 15.82
C THR B 17 -2.92 22.43 16.10
N ARG B 18 -3.27 23.47 15.36
CA ARG B 18 -4.50 24.22 15.61
C ARG B 18 -5.20 24.47 14.28
N ASN B 19 -6.35 23.82 14.09
CA ASN B 19 -7.17 24.01 12.90
C ASN B 19 -8.52 24.56 13.33
N GLY B 20 -8.87 25.73 12.81
CA GLY B 20 -10.10 26.37 13.24
C GLY B 20 -10.04 26.66 14.73
N HIS B 21 -11.08 26.24 15.45
CA HIS B 21 -11.11 26.33 16.90
C HIS B 21 -10.81 25.00 17.58
N THR B 22 -10.18 24.08 16.86
CA THR B 22 -9.81 22.78 17.39
C THR B 22 -8.30 22.68 17.51
N THR B 23 -7.83 22.06 18.59
CA THR B 23 -6.40 21.89 18.84
C THR B 23 -6.10 20.43 19.10
N SER B 24 -4.87 20.03 18.78
CA SER B 24 -4.38 18.69 19.04
C SER B 24 -2.92 18.78 19.44
N THR B 25 -2.61 18.32 20.65
CA THR B 25 -1.26 18.40 21.21
C THR B 25 -0.72 17.00 21.41
N THR B 26 0.51 16.76 20.98
CA THR B 26 1.18 15.50 21.18
C THR B 26 2.57 15.75 21.72
N GLN B 27 3.02 14.90 22.65
CA GLN B 27 4.32 15.03 23.27
C GLN B 27 5.35 14.06 22.70
N SER B 28 4.98 13.30 21.66
CA SER B 28 5.87 12.31 21.06
C SER B 28 5.82 12.41 19.54
N SER B 29 5.94 13.63 19.02
CA SER B 29 5.89 13.85 17.58
C SER B 29 7.28 13.75 16.97
N VAL B 30 7.33 13.27 15.73
CA VAL B 30 8.58 13.16 14.99
C VAL B 30 8.59 14.17 13.85
N GLY B 31 7.81 15.23 14.00
CA GLY B 31 7.69 16.24 12.97
C GLY B 31 6.50 16.00 12.05
N VAL B 32 6.27 16.95 11.17
CA VAL B 32 5.19 16.90 10.20
C VAL B 32 5.78 16.56 8.84
N THR B 33 5.19 15.57 8.17
CA THR B 33 5.60 15.19 6.82
C THR B 33 4.70 15.87 5.80
N TYR B 34 5.25 16.86 5.09
CA TYR B 34 4.53 17.49 4.01
C TYR B 34 4.69 16.66 2.75
N GLY B 35 3.56 16.37 2.09
CA GLY B 35 3.60 15.52 0.92
C GLY B 35 3.32 16.24 -0.38
N TYR B 36 4.26 16.13 -1.32
CA TYR B 36 4.10 16.58 -2.71
C TYR B 36 4.10 18.10 -2.83
N ALA B 37 4.05 18.81 -1.71
CA ALA B 37 4.05 20.26 -1.69
C ALA B 37 4.08 20.78 -0.27
N THR B 38 4.59 22.00 -0.09
CA THR B 38 4.51 22.69 1.19
C THR B 38 3.46 23.77 1.21
N ALA B 39 2.85 24.07 0.07
CA ALA B 39 1.84 25.12 -0.03
C ALA B 39 0.76 24.65 -1.00
N GLU B 40 -0.21 25.52 -1.24
CA GLU B 40 -1.33 25.24 -2.13
C GLU B 40 -1.13 25.99 -3.44
N ASP B 41 -1.50 25.35 -4.54
CA ASP B 41 -1.40 25.96 -5.86
C ASP B 41 -2.61 26.88 -6.09
N PHE B 42 -2.79 27.32 -7.33
CA PHE B 42 -3.84 28.28 -7.63
C PHE B 42 -5.22 27.64 -7.48
N VAL B 43 -6.13 28.38 -6.85
CA VAL B 43 -7.50 27.95 -6.68
C VAL B 43 -8.47 28.69 -7.59
N SER B 44 -8.08 29.82 -8.17
CA SER B 44 -8.94 30.62 -9.03
C SER B 44 -8.59 30.28 -10.48
N GLY B 45 -9.11 29.15 -10.95
CA GLY B 45 -8.87 28.72 -12.30
C GLY B 45 -9.93 29.22 -13.26
N PRO B 46 -9.76 28.94 -14.55
CA PRO B 46 -10.78 29.32 -15.54
C PRO B 46 -12.02 28.46 -15.50
N ASN B 47 -12.04 27.37 -14.74
CA ASN B 47 -13.18 26.46 -14.72
C ASN B 47 -14.27 26.87 -13.75
N THR B 48 -14.03 27.86 -12.89
CA THR B 48 -15.02 28.30 -11.92
C THR B 48 -15.57 29.70 -12.19
N SER B 49 -14.99 30.42 -13.15
CA SER B 49 -15.48 31.74 -13.55
C SER B 49 -15.47 32.73 -12.38
N GLY B 50 -14.55 32.55 -11.43
CA GLY B 50 -14.44 33.47 -10.32
C GLY B 50 -15.52 33.36 -9.27
N LEU B 51 -16.32 32.29 -9.30
CA LEU B 51 -17.43 32.13 -8.36
C LEU B 51 -17.07 31.28 -7.15
N GLU B 52 -15.81 30.87 -7.01
CA GLU B 52 -15.41 30.07 -5.86
C GLU B 52 -15.36 30.93 -4.60
N THR B 53 -15.67 30.30 -3.47
CA THR B 53 -15.60 30.94 -2.17
C THR B 53 -14.93 29.99 -1.19
N ARG B 54 -14.29 30.57 -0.17
CA ARG B 54 -13.59 29.81 0.86
C ARG B 54 -14.49 29.66 2.08
N VAL B 55 -14.54 28.44 2.61
CA VAL B 55 -15.35 28.15 3.80
C VAL B 55 -14.44 27.80 4.96
N VAL B 56 -14.10 28.80 5.78
CA VAL B 56 -13.19 28.57 6.91
C VAL B 56 -13.86 27.85 8.07
N GLN B 57 -15.19 27.71 8.05
CA GLN B 57 -15.86 26.98 9.12
C GLN B 57 -15.65 25.47 9.00
N ALA B 58 -15.20 24.99 7.86
CA ALA B 58 -15.01 23.56 7.63
C ALA B 58 -13.59 23.10 7.89
N GLU B 59 -12.67 24.00 8.24
CA GLU B 59 -11.27 23.63 8.46
C GLU B 59 -11.08 23.25 9.93
N ARG B 60 -11.72 22.14 10.31
CA ARG B 60 -11.73 21.68 11.68
C ARG B 60 -11.39 20.20 11.72
N PHE B 61 -10.97 19.74 12.90
CA PHE B 61 -10.61 18.35 13.09
C PHE B 61 -11.85 17.50 13.32
N PHE B 62 -11.93 16.35 12.64
CA PHE B 62 -12.94 15.36 12.95
C PHE B 62 -12.27 14.02 13.20
N LYS B 63 -12.88 13.21 14.05
CA LYS B 63 -12.26 12.02 14.59
C LYS B 63 -12.92 10.77 14.02
N THR B 64 -12.10 9.82 13.55
CA THR B 64 -12.58 8.54 13.06
C THR B 64 -11.69 7.44 13.61
N HIS B 65 -12.28 6.25 13.75
CA HIS B 65 -11.59 5.08 14.29
C HIS B 65 -11.11 4.22 13.13
N LEU B 66 -9.80 4.03 13.03
CA LEU B 66 -9.25 3.26 11.92
C LEU B 66 -9.35 1.77 12.17
N PHE B 67 -8.66 1.26 13.18
CA PHE B 67 -8.78 -0.18 13.48
C PHE B 67 -8.18 -0.46 14.85
N ASP B 68 -8.05 -1.75 15.17
CA ASP B 68 -7.49 -2.24 16.42
C ASP B 68 -6.33 -3.16 16.11
N TRP B 69 -5.12 -2.69 16.42
CA TRP B 69 -3.90 -3.40 16.11
C TRP B 69 -3.56 -4.34 17.25
N GLY B 70 -3.49 -5.64 16.96
CA GLY B 70 -3.19 -6.65 17.96
C GLY B 70 -2.06 -7.54 17.50
N THR B 71 -1.69 -8.47 18.38
CA THR B 71 -0.67 -9.46 18.03
C THR B 71 -1.15 -10.35 16.89
N ASN B 72 -2.46 -10.41 16.65
CA ASN B 72 -3.00 -11.21 15.56
C ASN B 72 -2.58 -10.65 14.21
N ASP B 73 -2.56 -9.33 14.05
CA ASP B 73 -2.28 -8.71 12.76
C ASP B 73 -0.85 -8.98 12.35
N SER B 74 -0.67 -9.70 11.24
CA SER B 74 0.65 -9.94 10.68
C SER B 74 0.96 -8.90 9.62
N PHE B 75 2.12 -9.04 8.98
CA PHE B 75 2.50 -8.08 7.95
C PHE B 75 1.54 -8.15 6.77
N GLY B 76 1.25 -7.00 6.19
CA GLY B 76 0.33 -6.91 5.08
C GLY B 76 -1.10 -6.64 5.48
N ARG B 77 -1.42 -6.66 6.77
CA ARG B 77 -2.75 -6.26 7.22
C ARG B 77 -2.92 -4.77 6.96
N CYS B 78 -3.70 -4.43 5.95
CA CYS B 78 -3.77 -3.09 5.40
C CYS B 78 -5.18 -2.56 5.54
N HIS B 79 -5.32 -1.36 6.08
CA HIS B 79 -6.62 -0.71 6.24
C HIS B 79 -6.63 0.60 5.46
N LEU B 80 -7.68 0.79 4.68
CA LEU B 80 -7.83 1.93 3.78
C LEU B 80 -8.99 2.80 4.23
N LEU B 81 -8.86 4.12 4.04
CA LEU B 81 -9.93 5.05 4.36
C LEU B 81 -9.92 6.16 3.31
N GLU B 82 -10.92 6.19 2.45
CA GLU B 82 -11.04 7.29 1.51
C GLU B 82 -11.52 8.54 2.25
N LEU B 83 -10.71 9.59 2.22
CA LEU B 83 -10.87 10.69 3.18
C LEU B 83 -12.20 11.42 3.08
N PRO B 84 -12.71 11.80 1.89
CA PRO B 84 -14.02 12.46 1.89
C PRO B 84 -15.12 11.49 2.28
N THR B 85 -15.05 11.02 3.53
CA THR B 85 -15.96 10.02 4.05
C THR B 85 -17.19 10.69 4.65
N ASP B 86 -18.01 9.90 5.34
CA ASP B 86 -19.24 10.41 5.93
C ASP B 86 -18.90 11.36 7.06
N HIS B 87 -19.15 12.65 6.84
CA HIS B 87 -18.84 13.70 7.80
C HIS B 87 -20.15 14.31 8.28
N LYS B 88 -20.38 14.27 9.59
CA LYS B 88 -21.59 14.84 10.19
C LYS B 88 -21.24 16.21 10.76
N GLY B 89 -21.09 17.18 9.86
CA GLY B 89 -20.72 18.51 10.27
C GLY B 89 -20.80 19.53 9.15
N VAL B 90 -20.02 20.60 9.25
CA VAL B 90 -20.05 21.65 8.23
C VAL B 90 -19.51 21.12 6.90
N TYR B 91 -18.46 20.29 6.94
CA TYR B 91 -17.87 19.78 5.71
C TYR B 91 -18.85 18.91 4.93
N GLY B 92 -19.58 18.03 5.62
CA GLY B 92 -20.59 17.24 4.95
C GLY B 92 -21.72 18.08 4.40
N SER B 93 -22.08 19.14 5.12
CA SER B 93 -23.09 20.07 4.63
C SER B 93 -22.63 20.72 3.32
N LEU B 94 -21.37 21.13 3.25
CA LEU B 94 -20.84 21.69 2.01
C LEU B 94 -20.88 20.66 0.89
N THR B 95 -20.52 19.41 1.21
CA THR B 95 -20.56 18.36 0.19
C THR B 95 -21.97 18.20 -0.37
N ASP B 96 -22.98 18.28 0.51
CA ASP B 96 -24.36 18.12 0.07
C ASP B 96 -24.97 19.38 -0.52
N SER B 97 -24.35 20.54 -0.34
CA SER B 97 -24.94 21.80 -0.79
C SER B 97 -24.10 22.54 -1.83
N TYR B 98 -23.04 21.92 -2.35
CA TYR B 98 -22.21 22.55 -3.36
C TYR B 98 -21.81 21.51 -4.41
N ALA B 99 -21.73 21.94 -5.67
CA ALA B 99 -21.39 21.00 -6.74
C ALA B 99 -19.91 20.68 -6.75
N TYR B 100 -19.06 21.69 -6.72
CA TYR B 100 -17.62 21.50 -6.85
C TYR B 100 -16.91 21.93 -5.58
N MET B 101 -15.93 21.13 -5.15
CA MET B 101 -15.22 21.39 -3.90
C MET B 101 -13.74 21.11 -4.10
N ARG B 102 -12.92 21.75 -3.26
CA ARG B 102 -11.47 21.64 -3.34
C ARG B 102 -10.88 21.79 -1.96
N ASN B 103 -10.03 20.85 -1.54
CA ASN B 103 -9.33 20.99 -0.27
C ASN B 103 -8.15 20.03 -0.22
N GLY B 104 -7.20 20.35 0.66
CA GLY B 104 -6.19 19.42 1.08
C GLY B 104 -6.51 18.83 2.45
N TRP B 105 -5.61 17.99 2.93
CA TRP B 105 -5.85 17.26 4.17
C TRP B 105 -4.70 17.42 5.14
N ASP B 106 -5.04 17.41 6.43
CA ASP B 106 -4.07 17.41 7.53
C ASP B 106 -4.46 16.24 8.42
N VAL B 107 -3.68 15.16 8.37
CA VAL B 107 -4.04 13.88 8.96
C VAL B 107 -3.12 13.59 10.13
N GLU B 108 -3.69 13.19 11.25
CA GLU B 108 -2.94 12.83 12.46
C GLU B 108 -3.42 11.46 12.92
N VAL B 109 -2.65 10.42 12.64
CA VAL B 109 -3.01 9.07 13.03
C VAL B 109 -2.33 8.74 14.34
N THR B 110 -3.12 8.35 15.34
CA THR B 110 -2.60 8.04 16.67
C THR B 110 -2.81 6.57 16.97
N ALA B 111 -1.72 5.90 17.36
CA ALA B 111 -1.74 4.52 17.85
C ALA B 111 -1.14 4.54 19.25
N VAL B 112 -1.98 4.83 20.24
CA VAL B 112 -1.53 5.01 21.61
C VAL B 112 -1.50 3.65 22.28
N GLY B 113 -0.31 3.08 22.41
CA GLY B 113 -0.13 1.84 23.13
C GLY B 113 0.71 2.01 24.37
N ASN B 114 1.98 1.64 24.27
CA ASN B 114 2.90 1.70 25.40
C ASN B 114 4.32 1.69 24.85
N GLN B 115 5.25 2.27 25.60
CA GLN B 115 6.63 2.24 25.14
C GLN B 115 7.26 0.87 25.29
N PHE B 116 6.60 -0.06 25.95
CA PHE B 116 7.08 -1.43 26.06
C PHE B 116 6.51 -2.35 24.99
N ASN B 117 5.75 -1.81 24.04
CA ASN B 117 5.27 -2.58 22.91
C ASN B 117 6.29 -2.51 21.77
N GLY B 118 6.28 -3.54 20.93
CA GLY B 118 7.08 -3.59 19.73
C GLY B 118 6.23 -3.49 18.48
N GLY B 119 6.90 -3.68 17.34
CA GLY B 119 6.23 -3.59 16.06
C GLY B 119 6.29 -2.20 15.47
N CYS B 120 5.69 -2.08 14.29
CA CYS B 120 5.73 -0.83 13.55
C CYS B 120 4.52 -0.73 12.63
N LEU B 121 3.95 0.47 12.54
CA LEU B 121 2.92 0.78 11.57
C LEU B 121 3.46 1.78 10.57
N LEU B 122 2.99 1.68 9.33
CA LEU B 122 3.28 2.66 8.30
C LEU B 122 1.97 3.35 7.93
N VAL B 123 1.96 4.68 8.02
CA VAL B 123 0.79 5.50 7.71
C VAL B 123 1.13 6.32 6.48
N ALA B 124 0.35 6.16 5.42
CA ALA B 124 0.65 6.77 4.14
C ALA B 124 -0.59 7.45 3.57
N MET B 125 -0.33 8.43 2.71
CA MET B 125 -1.36 9.17 1.99
C MET B 125 -1.19 8.86 0.51
N VAL B 126 -2.01 7.96 -0.01
CA VAL B 126 -1.89 7.49 -1.39
C VAL B 126 -2.96 8.18 -2.23
N PRO B 127 -2.60 8.92 -3.26
CA PRO B 127 -3.62 9.46 -4.16
C PRO B 127 -4.19 8.38 -5.08
N GLU B 128 -5.51 8.45 -5.30
CA GLU B 128 -6.20 7.63 -6.30
C GLU B 128 -5.96 6.14 -6.06
N LEU B 129 -6.20 5.69 -4.83
CA LEU B 129 -6.00 4.30 -4.47
C LEU B 129 -7.31 3.67 -4.05
N CYS B 130 -7.65 2.54 -4.66
CA CYS B 130 -8.81 1.75 -4.28
C CYS B 130 -8.46 0.43 -3.62
N SER B 131 -7.41 -0.24 -4.09
CA SER B 131 -6.92 -1.46 -3.48
C SER B 131 -5.43 -1.57 -3.74
N ILE B 132 -4.75 -2.34 -2.89
CA ILE B 132 -3.30 -2.49 -2.97
C ILE B 132 -2.95 -3.94 -2.67
N THR B 133 -1.96 -4.46 -3.41
CA THR B 133 -1.47 -5.82 -3.21
C THR B 133 -0.33 -5.82 -2.20
N LYS B 134 0.03 -7.03 -1.75
CA LYS B 134 1.07 -7.15 -0.73
C LYS B 134 2.44 -6.71 -1.26
N ARG B 135 2.76 -7.06 -2.51
CA ARG B 135 4.04 -6.66 -3.07
C ARG B 135 4.15 -5.15 -3.17
N GLU B 136 3.09 -4.49 -3.62
CA GLU B 136 3.11 -3.04 -3.74
C GLU B 136 3.28 -2.37 -2.37
N LEU B 137 2.84 -3.04 -1.31
CA LEU B 137 3.05 -2.50 0.04
C LEU B 137 4.53 -2.29 0.33
N TYR B 138 5.40 -3.12 -0.24
CA TYR B 138 6.82 -2.96 -0.03
C TYR B 138 7.32 -1.61 -0.53
N GLN B 139 6.61 -0.98 -1.46
CA GLN B 139 6.98 0.35 -1.95
C GLN B 139 6.00 1.42 -1.49
N LEU B 140 5.22 1.14 -0.45
CA LEU B 140 4.26 2.11 0.05
C LEU B 140 4.94 3.38 0.54
N THR B 141 6.25 3.33 0.79
CA THR B 141 6.99 4.52 1.21
C THR B 141 7.19 5.52 0.07
N LEU B 142 6.80 5.18 -1.16
CA LEU B 142 6.87 6.16 -2.23
C LEU B 142 5.91 7.32 -2.02
N PHE B 143 4.96 7.18 -1.13
CA PHE B 143 3.91 8.15 -0.86
C PHE B 143 4.20 8.90 0.45
N PRO B 144 3.58 10.07 0.64
CA PRO B 144 3.79 10.81 1.89
C PRO B 144 3.40 9.98 3.09
N HIS B 145 4.38 9.69 3.94
CA HIS B 145 4.20 8.65 4.95
C HIS B 145 4.97 8.98 6.21
N GLN B 146 4.60 8.30 7.28
CA GLN B 146 5.37 8.26 8.51
C GLN B 146 5.28 6.87 9.12
N PHE B 147 6.19 6.58 10.04
CA PHE B 147 6.19 5.34 10.79
C PHE B 147 5.74 5.61 12.21
N ILE B 148 4.81 4.80 12.70
CA ILE B 148 4.42 4.80 14.11
C ILE B 148 5.13 3.62 14.75
N ASN B 149 6.12 3.92 15.59
CA ASN B 149 6.91 2.91 16.28
C ASN B 149 6.73 3.11 17.77
N PRO B 150 6.09 2.18 18.48
CA PRO B 150 5.74 2.45 19.89
C PRO B 150 6.92 2.77 20.78
N ARG B 151 8.13 2.36 20.41
CA ARG B 151 9.29 2.68 21.23
C ARG B 151 9.68 4.15 21.16
N THR B 152 9.23 4.88 20.15
CA THR B 152 9.69 6.25 19.96
C THR B 152 8.55 7.25 19.78
N ASN B 153 7.44 6.83 19.16
CA ASN B 153 6.34 7.75 18.95
C ASN B 153 5.01 6.99 18.94
N MET B 154 3.93 7.75 19.02
CA MET B 154 2.59 7.18 18.89
C MET B 154 1.68 8.09 18.06
N THR B 155 2.24 8.91 17.19
CA THR B 155 1.46 9.85 16.39
C THR B 155 2.20 10.14 15.10
N ALA B 156 1.49 10.02 13.97
CA ALA B 156 2.02 10.35 12.66
C ALA B 156 1.21 11.50 12.08
N HIS B 157 1.90 12.54 11.62
CA HIS B 157 1.26 13.76 11.14
C HIS B 157 1.69 14.03 9.70
N ILE B 158 0.73 14.03 8.79
CA ILE B 158 0.98 14.20 7.36
C ILE B 158 0.07 15.28 6.82
N THR B 159 0.64 16.22 6.05
CA THR B 159 -0.13 17.27 5.40
C THR B 159 0.01 17.13 3.89
N VAL B 160 -1.11 17.07 3.18
CA VAL B 160 -1.10 16.96 1.73
C VAL B 160 -2.00 18.04 1.13
N PRO B 161 -1.69 18.55 -0.06
CA PRO B 161 -2.55 19.56 -0.67
C PRO B 161 -3.66 18.94 -1.49
N TYR B 162 -4.50 19.76 -2.12
CA TYR B 162 -5.43 19.22 -3.10
C TYR B 162 -4.64 18.72 -4.31
N LEU B 163 -5.12 17.64 -4.89
CA LEU B 163 -4.32 16.93 -5.89
C LEU B 163 -5.26 16.06 -6.71
N GLY B 164 -5.44 16.41 -7.98
CA GLY B 164 -6.36 15.65 -8.80
C GLY B 164 -6.22 16.00 -10.26
N VAL B 165 -7.02 15.32 -11.07
CA VAL B 165 -7.03 15.56 -12.51
C VAL B 165 -7.55 16.97 -12.80
N ASN B 166 -8.59 17.40 -12.11
CA ASN B 166 -9.21 18.70 -12.31
C ASN B 166 -8.89 19.63 -11.15
N ARG B 167 -9.03 20.92 -11.39
CA ARG B 167 -8.81 21.91 -10.34
C ARG B 167 -9.85 21.78 -9.23
N TYR B 168 -11.09 21.45 -9.60
CA TYR B 168 -12.15 21.14 -8.67
C TYR B 168 -12.76 19.80 -9.07
N ASP B 169 -13.29 19.08 -8.10
CA ASP B 169 -13.90 17.79 -8.41
C ASP B 169 -15.19 17.60 -7.63
N GLN B 170 -15.96 16.61 -8.05
CA GLN B 170 -17.24 16.27 -7.45
C GLN B 170 -17.00 15.13 -6.48
N TYR B 171 -16.97 15.45 -5.18
CA TYR B 171 -16.58 14.48 -4.17
C TYR B 171 -17.60 13.36 -3.99
N LYS B 172 -18.79 13.48 -4.57
CA LYS B 172 -19.74 12.39 -4.52
C LYS B 172 -19.33 11.22 -5.39
N VAL B 173 -18.52 11.46 -6.42
CA VAL B 173 -18.21 10.42 -7.41
C VAL B 173 -16.70 10.24 -7.54
N HIS B 174 -15.91 10.86 -6.67
CA HIS B 174 -14.46 10.75 -6.77
C HIS B 174 -13.84 11.03 -5.42
N LYS B 175 -12.90 10.17 -5.01
CA LYS B 175 -12.14 10.35 -3.78
C LYS B 175 -10.65 10.47 -4.12
N PRO B 176 -10.10 11.69 -4.15
CA PRO B 176 -8.70 11.85 -4.58
C PRO B 176 -7.70 11.12 -3.70
N TRP B 177 -7.92 11.08 -2.39
CA TRP B 177 -6.92 10.62 -1.45
C TRP B 177 -7.40 9.39 -0.69
N THR B 178 -6.44 8.60 -0.22
CA THR B 178 -6.73 7.45 0.64
C THR B 178 -5.69 7.40 1.74
N LEU B 179 -6.15 7.35 2.97
CA LEU B 179 -5.28 7.12 4.12
C LEU B 179 -5.09 5.62 4.30
N VAL B 180 -3.85 5.17 4.30
CA VAL B 180 -3.51 3.76 4.35
C VAL B 180 -2.69 3.51 5.61
N VAL B 181 -3.11 2.53 6.40
CA VAL B 181 -2.34 2.09 7.57
C VAL B 181 -2.01 0.62 7.37
N THR B 182 -0.71 0.30 7.41
CA THR B 182 -0.27 -1.07 7.23
C THR B 182 0.65 -1.47 8.39
N VAL B 183 0.72 -2.77 8.63
CA VAL B 183 1.50 -3.33 9.73
C VAL B 183 2.83 -3.79 9.16
N VAL B 184 3.89 -3.01 9.40
CA VAL B 184 5.21 -3.38 8.90
C VAL B 184 5.77 -4.54 9.72
N ALA B 185 5.72 -4.41 11.04
CA ALA B 185 6.17 -5.47 11.94
C ALA B 185 5.06 -5.78 12.94
N PRO B 186 4.86 -7.06 13.27
CA PRO B 186 3.74 -7.42 14.15
C PRO B 186 3.90 -6.84 15.54
N LEU B 187 2.77 -6.55 16.17
CA LEU B 187 2.77 -6.03 17.54
C LEU B 187 3.26 -7.09 18.50
N THR B 188 4.17 -6.71 19.39
CA THR B 188 4.64 -7.58 20.47
C THR B 188 4.30 -6.94 21.80
N VAL B 189 3.62 -7.70 22.65
CA VAL B 189 3.20 -7.23 23.96
C VAL B 189 4.17 -7.62 25.05
N LYS B 190 4.64 -8.87 25.03
CA LYS B 190 5.55 -9.43 26.04
C LYS B 190 4.84 -9.34 27.38
N ASN B 191 5.43 -8.69 28.39
CA ASN B 191 4.83 -8.63 29.72
C ASN B 191 4.25 -7.26 30.07
N GLU B 192 4.94 -6.17 29.72
CA GLU B 192 4.52 -4.84 30.14
C GLU B 192 3.89 -4.04 29.01
N GLY B 193 3.64 -4.64 27.86
CA GLY B 193 3.03 -3.92 26.76
C GLY B 193 1.52 -3.91 26.85
N ALA B 194 0.93 -3.03 26.06
CA ALA B 194 -0.52 -2.98 25.96
C ALA B 194 -1.03 -4.16 25.13
N PRO B 195 -2.09 -4.83 25.58
CA PRO B 195 -2.59 -5.99 24.82
C PRO B 195 -2.99 -5.65 23.39
N GLN B 196 -3.55 -4.46 23.17
CA GLN B 196 -3.94 -4.03 21.83
C GLN B 196 -3.83 -2.51 21.77
N ILE B 197 -3.73 -1.99 20.55
CA ILE B 197 -3.56 -0.57 20.31
C ILE B 197 -4.68 -0.11 19.40
N LYS B 198 -5.50 0.81 19.88
CA LYS B 198 -6.63 1.31 19.09
C LYS B 198 -6.14 2.46 18.22
N VAL B 199 -6.04 2.22 16.92
CA VAL B 199 -5.53 3.20 15.98
C VAL B 199 -6.69 4.08 15.50
N TYR B 200 -6.59 5.37 15.81
CA TYR B 200 -7.57 6.40 15.46
C TYR B 200 -6.95 7.41 14.52
N ALA B 201 -7.81 8.19 13.87
CA ALA B 201 -7.38 9.23 12.95
C ALA B 201 -8.09 10.54 13.28
N ASN B 202 -7.33 11.64 13.24
CA ASN B 202 -7.83 12.98 13.49
C ASN B 202 -7.50 13.80 12.25
N ILE B 203 -8.52 14.12 11.45
CA ILE B 203 -8.33 14.66 10.11
C ILE B 203 -8.97 16.05 10.04
N ALA B 204 -8.27 16.98 9.38
CA ALA B 204 -8.76 18.34 9.20
C ALA B 204 -8.67 18.72 7.74
N PRO B 205 -9.76 19.11 7.09
CA PRO B 205 -9.65 19.71 5.75
C PRO B 205 -8.92 21.05 5.83
N THR B 206 -8.19 21.35 4.77
CA THR B 206 -7.41 22.58 4.67
C THR B 206 -7.72 23.28 3.36
N ASN B 207 -7.83 24.61 3.42
CA ASN B 207 -8.09 25.45 2.24
C ASN B 207 -9.30 24.95 1.47
N VAL B 208 -10.44 24.97 2.13
CA VAL B 208 -11.68 24.48 1.51
C VAL B 208 -12.26 25.58 0.63
N TYR B 209 -12.52 25.24 -0.62
CA TYR B 209 -13.16 26.13 -1.58
C TYR B 209 -14.33 25.42 -2.21
N VAL B 210 -15.45 26.12 -2.35
CA VAL B 210 -16.66 25.55 -2.92
C VAL B 210 -17.12 26.41 -4.08
N ALA B 211 -17.84 25.79 -5.01
CA ALA B 211 -18.34 26.50 -6.18
C ALA B 211 -19.57 25.79 -6.69
N GLY B 212 -20.50 26.58 -7.23
CA GLY B 212 -21.70 26.03 -7.83
C GLY B 212 -22.72 25.55 -6.82
N GLU B 213 -23.33 26.46 -6.08
CA GLU B 213 -24.29 26.08 -5.06
C GLU B 213 -25.53 25.46 -5.70
N LEU B 214 -25.97 24.37 -5.14
CA LEU B 214 -27.03 23.46 -5.52
C LEU B 214 -28.36 23.91 -4.93
N PRO B 215 -29.47 23.56 -5.55
CA PRO B 215 -30.78 23.88 -4.98
C PRO B 215 -31.06 23.03 -3.74
N SER B 216 -32.02 23.49 -2.95
CA SER B 216 -32.41 22.79 -1.74
C SER B 216 -33.08 21.47 -2.08
N LYS B 217 -33.05 20.55 -1.12
CA LYS B 217 -33.64 19.23 -1.31
C LYS B 217 -35.15 19.30 -1.52
N GLY C 1 17.70 23.49 -62.89
CA GLY C 1 17.56 24.47 -61.83
C GLY C 1 17.30 23.84 -60.48
N ILE C 2 16.81 22.60 -60.50
CA ILE C 2 16.51 21.89 -59.27
C ILE C 2 17.81 21.52 -58.56
N PHE C 3 17.84 21.70 -57.25
CA PHE C 3 19.01 21.33 -56.46
C PHE C 3 19.10 19.81 -56.40
N PRO C 4 20.17 19.20 -56.88
CA PRO C 4 20.24 17.73 -56.91
C PRO C 4 20.60 17.14 -55.57
N VAL C 5 19.96 16.01 -55.25
CA VAL C 5 20.21 15.29 -54.01
C VAL C 5 20.49 13.83 -54.35
N ALA C 6 21.15 13.15 -53.42
CA ALA C 6 21.44 11.73 -53.53
C ALA C 6 20.69 11.00 -52.43
N CYS C 7 19.72 10.18 -52.82
CA CYS C 7 18.95 9.39 -51.87
C CYS C 7 19.80 8.21 -51.43
N SER C 8 20.46 8.35 -50.29
CA SER C 8 21.41 7.35 -49.83
C SER C 8 20.71 6.06 -49.42
N ASP C 9 21.40 4.94 -49.65
CA ASP C 9 20.87 3.63 -49.28
C ASP C 9 21.15 3.32 -47.81
N GLY C 10 20.19 2.69 -47.16
CA GLY C 10 20.31 2.35 -45.76
C GLY C 10 19.84 3.43 -44.81
N TYR C 11 19.47 4.60 -45.33
CA TYR C 11 19.01 5.70 -44.50
C TYR C 11 17.50 5.86 -44.63
N GLY C 12 16.89 6.44 -43.61
CA GLY C 12 15.50 6.82 -43.65
C GLY C 12 14.52 5.80 -43.14
N GLY C 13 14.96 4.58 -42.84
CA GLY C 13 14.05 3.58 -42.30
C GLY C 13 13.59 3.97 -40.91
N LEU C 14 12.38 3.53 -40.57
CA LEU C 14 11.85 3.81 -39.24
C LEU C 14 12.67 3.06 -38.20
N VAL C 15 13.24 3.80 -37.26
CA VAL C 15 13.94 3.22 -36.13
C VAL C 15 13.24 3.70 -34.86
N THR C 16 12.83 2.76 -34.02
CA THR C 16 12.37 3.14 -32.69
C THR C 16 13.52 3.73 -31.90
N THR C 17 13.19 4.61 -30.96
CA THR C 17 14.17 5.34 -30.16
C THR C 17 15.04 6.26 -31.01
N ASP C 18 14.56 6.64 -32.20
CA ASP C 18 15.33 7.57 -33.02
C ASP C 18 15.05 9.01 -32.62
N PRO C 19 16.03 9.90 -32.77
CA PRO C 19 15.87 11.28 -32.29
C PRO C 19 14.97 12.16 -33.13
N LYS C 20 14.53 11.73 -34.31
CA LYS C 20 13.69 12.57 -35.14
C LYS C 20 12.28 12.67 -34.58
N THR C 21 11.56 13.71 -35.03
CA THR C 21 10.17 13.94 -34.64
C THR C 21 9.27 13.88 -35.87
N ALA C 22 8.03 13.48 -35.66
CA ALA C 22 7.07 13.34 -36.75
C ALA C 22 6.53 14.70 -37.17
N ASP C 23 5.78 14.69 -38.28
CA ASP C 23 5.19 15.89 -38.86
C ASP C 23 3.80 16.14 -38.29
N PRO C 24 3.50 17.38 -37.93
CA PRO C 24 2.20 17.69 -37.32
C PRO C 24 1.07 17.66 -38.32
N VAL C 25 -0.14 17.47 -37.81
CA VAL C 25 -1.34 17.44 -38.64
C VAL C 25 -2.43 18.31 -38.04
N TYR C 26 -2.25 18.75 -36.80
CA TYR C 26 -3.30 19.43 -36.04
C TYR C 26 -2.64 20.51 -35.19
N GLY C 27 -2.77 21.77 -35.61
CA GLY C 27 -2.08 22.86 -34.98
C GLY C 27 -3.00 23.76 -34.15
N LYS C 28 -2.36 24.66 -33.40
CA LYS C 28 -3.04 25.70 -32.63
C LYS C 28 -3.94 25.10 -31.55
N VAL C 29 -3.37 24.23 -30.74
CA VAL C 29 -4.06 23.64 -29.60
C VAL C 29 -3.38 24.14 -28.33
N PHE C 30 -4.18 24.68 -27.41
CA PHE C 30 -3.70 25.19 -26.14
C PHE C 30 -4.14 24.26 -25.01
N ASN C 31 -3.19 23.88 -24.17
CA ASN C 31 -3.47 22.99 -23.05
C ASN C 31 -3.98 23.77 -21.85
N PRO C 32 -4.77 23.13 -20.99
CA PRO C 32 -5.10 23.74 -19.71
C PRO C 32 -3.85 23.90 -18.86
N PRO C 33 -3.82 24.91 -18.00
CA PRO C 33 -2.60 25.18 -17.22
C PRO C 33 -2.21 24.01 -16.33
N ARG C 34 -0.90 23.76 -16.24
CA ARG C 34 -0.34 22.75 -15.35
C ARG C 34 0.64 23.37 -14.36
N ASN C 35 0.55 24.68 -14.14
CA ASN C 35 1.56 25.40 -13.38
C ASN C 35 1.47 25.02 -11.90
N LEU C 36 2.62 24.66 -11.33
CA LEU C 36 2.75 24.34 -9.91
C LEU C 36 1.82 23.20 -9.48
N LEU C 37 1.81 22.13 -10.26
CA LEU C 37 1.15 20.92 -9.80
C LEU C 37 2.05 20.19 -8.81
N PRO C 38 1.50 19.70 -7.70
CA PRO C 38 2.33 18.99 -6.72
C PRO C 38 2.75 17.63 -7.22
N GLY C 39 3.86 17.15 -6.66
CA GLY C 39 4.32 15.79 -6.90
C GLY C 39 5.15 15.59 -8.13
N ARG C 40 5.60 16.65 -8.79
CA ARG C 40 6.36 16.53 -10.02
C ARG C 40 7.72 15.87 -9.76
N PHE C 41 8.06 14.88 -10.57
CA PHE C 41 9.39 14.29 -10.55
C PHE C 41 9.89 14.13 -11.98
N THR C 42 11.11 14.60 -12.23
CA THR C 42 11.68 14.59 -13.57
C THR C 42 12.74 13.52 -13.78
N ASN C 43 13.29 12.95 -12.71
CA ASN C 43 14.30 11.90 -12.82
C ASN C 43 13.93 10.78 -11.86
N LEU C 44 13.92 9.55 -12.37
CA LEU C 44 13.49 8.42 -11.55
C LEU C 44 14.48 8.13 -10.43
N LEU C 45 15.76 8.44 -10.64
CA LEU C 45 16.73 8.21 -9.57
C LEU C 45 16.59 9.22 -8.45
N ASP C 46 15.99 10.38 -8.70
CA ASP C 46 15.63 11.28 -7.60
C ASP C 46 14.62 10.62 -6.67
N VAL C 47 13.61 9.97 -7.26
CA VAL C 47 12.65 9.20 -6.46
C VAL C 47 13.33 8.04 -5.78
N ALA C 48 14.30 7.41 -6.45
CA ALA C 48 15.02 6.29 -5.85
C ALA C 48 15.80 6.74 -4.61
N GLU C 49 16.44 7.90 -4.67
CA GLU C 49 17.14 8.43 -3.50
C GLU C 49 16.18 8.84 -2.40
N ALA C 50 15.12 9.57 -2.77
CA ALA C 50 14.28 10.19 -1.75
C ALA C 50 13.43 9.17 -0.99
N CYS C 51 13.09 8.05 -1.63
CA CYS C 51 12.11 7.11 -1.07
C CYS C 51 12.70 5.72 -0.92
N PRO C 52 13.22 5.36 0.26
CA PRO C 52 13.65 3.97 0.49
C PRO C 52 12.47 3.02 0.50
N THR C 53 12.73 1.78 0.07
CA THR C 53 11.69 0.75 -0.02
C THR C 53 12.17 -0.53 0.64
N PHE C 54 11.23 -1.29 1.18
CA PHE C 54 11.54 -2.43 2.03
C PHE C 54 12.21 -3.55 1.24
N LEU C 55 13.16 -4.23 1.88
CA LEU C 55 13.67 -5.49 1.37
C LEU C 55 12.71 -6.62 1.72
N ARG C 56 12.90 -7.75 1.06
CA ARG C 56 12.09 -8.93 1.29
C ARG C 56 12.96 -10.04 1.88
N PHE C 57 12.46 -10.68 2.93
CA PHE C 57 13.17 -11.76 3.59
C PHE C 57 12.29 -13.00 3.61
N ASP C 58 12.72 -14.02 4.35
CA ASP C 58 12.05 -15.32 4.30
C ASP C 58 10.59 -15.18 4.74
N SER C 59 9.72 -15.91 4.04
CA SER C 59 8.28 -15.92 4.28
C SER C 59 7.64 -14.57 3.97
N ASP C 60 8.24 -13.79 3.08
CA ASP C 60 7.67 -12.55 2.57
C ASP C 60 7.40 -11.54 3.68
N VAL C 61 8.48 -11.14 4.36
CA VAL C 61 8.37 -10.11 5.40
C VAL C 61 9.46 -9.07 5.19
N PRO C 62 9.22 -7.80 5.55
CA PRO C 62 10.24 -6.77 5.33
C PRO C 62 11.22 -6.61 6.48
N TYR C 63 11.26 -7.59 7.38
CA TYR C 63 12.11 -7.49 8.56
C TYR C 63 12.82 -8.81 8.81
N VAL C 64 13.96 -8.73 9.47
CA VAL C 64 14.64 -9.90 10.01
C VAL C 64 14.31 -10.01 11.49
N THR C 65 14.34 -11.22 12.01
CA THR C 65 13.98 -11.52 13.38
C THR C 65 15.21 -11.90 14.18
N THR C 66 15.29 -11.39 15.42
CA THR C 66 16.40 -11.70 16.30
C THR C 66 16.58 -13.20 16.48
N LYS C 67 17.81 -13.67 16.33
CA LYS C 67 18.16 -15.07 16.49
C LYS C 67 18.96 -15.25 17.77
N THR C 68 18.58 -16.24 18.57
CA THR C 68 19.30 -16.58 19.79
C THR C 68 20.34 -17.67 19.58
N ASP C 69 20.47 -18.21 18.37
CA ASP C 69 21.34 -19.34 18.14
C ASP C 69 22.81 -18.91 18.12
N SER C 70 23.69 -19.91 18.03
CA SER C 70 25.11 -19.61 17.87
C SER C 70 25.40 -18.97 16.53
N ASP C 71 24.67 -19.35 15.49
CA ASP C 71 24.80 -18.73 14.18
C ASP C 71 24.15 -17.35 14.24
N ARG C 72 24.98 -16.30 14.28
CA ARG C 72 24.48 -14.96 14.43
C ARG C 72 24.22 -14.25 13.11
N LYS C 73 24.39 -14.94 11.98
CA LYS C 73 24.10 -14.37 10.67
C LYS C 73 22.60 -14.17 10.52
N LEU C 74 22.16 -12.92 10.59
CA LEU C 74 20.74 -12.62 10.39
C LEU C 74 20.35 -12.87 8.93
N VAL C 75 21.12 -12.33 7.99
CA VAL C 75 20.81 -12.51 6.57
C VAL C 75 22.09 -12.37 5.77
N GLN C 76 22.10 -12.93 4.56
CA GLN C 76 23.26 -12.91 3.68
C GLN C 76 22.72 -12.91 2.26
N PHE C 77 22.76 -11.76 1.58
CA PHE C 77 22.15 -11.67 0.26
C PHE C 77 23.14 -11.10 -0.76
N ASP C 78 22.96 -11.53 -2.00
CA ASP C 78 23.79 -11.05 -3.10
C ASP C 78 23.58 -9.57 -3.33
N LEU C 79 24.64 -8.89 -3.75
CA LEU C 79 24.57 -7.45 -4.00
C LEU C 79 23.88 -7.11 -5.30
N SER C 80 23.57 -8.11 -6.13
CA SER C 80 22.93 -7.84 -7.42
C SER C 80 21.55 -7.21 -7.21
N LEU C 81 21.18 -6.33 -8.14
CA LEU C 81 19.84 -5.76 -8.17
C LEU C 81 18.79 -6.77 -8.60
N ALA C 82 19.20 -7.94 -9.07
CA ALA C 82 18.30 -9.04 -9.40
C ALA C 82 18.13 -10.01 -8.25
N ALA C 83 18.64 -9.69 -7.06
CA ALA C 83 18.53 -10.58 -5.92
C ALA C 83 17.08 -10.68 -5.47
N LYS C 84 16.75 -11.83 -4.87
CA LYS C 84 15.39 -12.05 -4.38
C LYS C 84 15.07 -11.11 -3.23
N HIS C 85 16.06 -10.75 -2.42
CA HIS C 85 15.81 -9.89 -1.27
C HIS C 85 15.45 -8.47 -1.71
N MET C 86 15.96 -8.03 -2.86
CA MET C 86 15.65 -6.70 -3.37
C MET C 86 14.58 -6.72 -4.46
N SER C 87 13.94 -7.86 -4.69
CA SER C 87 12.98 -7.99 -5.79
C SER C 87 11.73 -7.16 -5.59
N ASN C 88 11.48 -6.62 -4.39
CA ASN C 88 10.30 -5.83 -4.11
C ASN C 88 10.62 -4.36 -3.85
N THR C 89 11.80 -3.90 -4.27
CA THR C 89 12.20 -2.52 -4.08
C THR C 89 12.00 -1.72 -5.36
N PHE C 90 11.87 -0.41 -5.19
CA PHE C 90 11.79 0.49 -6.35
C PHE C 90 13.07 0.45 -7.14
N LEU C 91 14.21 0.31 -6.45
CA LEU C 91 15.50 0.32 -7.11
C LEU C 91 15.63 -0.84 -8.10
N ALA C 92 15.19 -2.04 -7.70
CA ALA C 92 15.21 -3.17 -8.62
C ALA C 92 14.21 -2.99 -9.74
N GLY C 93 13.05 -2.40 -9.45
CA GLY C 93 12.08 -2.11 -10.48
C GLY C 93 12.64 -1.22 -11.57
N LEU C 94 13.44 -0.22 -11.18
CA LEU C 94 14.14 0.58 -12.19
C LEU C 94 15.23 -0.23 -12.87
N ALA C 95 16.05 -0.93 -12.10
CA ALA C 95 17.23 -1.60 -12.64
C ALA C 95 16.87 -2.67 -13.65
N GLN C 96 15.67 -3.25 -13.57
CA GLN C 96 15.29 -4.28 -14.54
C GLN C 96 15.18 -3.72 -15.96
N TYR C 97 15.03 -2.41 -16.11
CA TYR C 97 14.91 -1.78 -17.42
C TYR C 97 16.21 -1.14 -17.88
N TYR C 98 17.32 -1.44 -17.23
CA TYR C 98 18.61 -0.87 -17.61
C TYR C 98 19.66 -1.98 -17.58
N THR C 99 20.62 -1.87 -18.49
CA THR C 99 21.64 -2.91 -18.60
C THR C 99 22.72 -2.76 -17.54
N GLN C 100 23.16 -1.54 -17.25
CA GLN C 100 24.30 -1.35 -16.37
C GLN C 100 23.99 -0.32 -15.29
N TYR C 101 24.71 -0.43 -14.18
CA TYR C 101 24.62 0.52 -13.09
C TYR C 101 26.02 0.77 -12.53
N SER C 102 26.12 1.83 -11.72
CA SER C 102 27.35 2.09 -10.97
C SER C 102 27.05 3.09 -9.88
N GLY C 103 27.38 2.76 -8.64
CA GLY C 103 27.27 3.72 -7.56
C GLY C 103 27.04 3.05 -6.23
N THR C 104 26.81 3.89 -5.23
CA THR C 104 26.58 3.44 -3.86
C THR C 104 25.11 3.07 -3.65
N ILE C 105 24.86 2.02 -2.88
CA ILE C 105 23.51 1.60 -2.54
C ILE C 105 23.33 1.70 -1.04
N ASN C 106 22.32 2.42 -0.59
CA ASN C 106 22.12 2.68 0.83
C ASN C 106 21.12 1.69 1.42
N LEU C 107 21.49 1.08 2.54
CA LEU C 107 20.60 0.24 3.33
C LEU C 107 20.23 0.99 4.61
N HIS C 108 18.97 0.90 5.00
CA HIS C 108 18.46 1.52 6.21
C HIS C 108 17.90 0.45 7.12
N PHE C 109 18.40 0.36 8.34
CA PHE C 109 17.96 -0.61 9.33
C PHE C 109 17.23 0.12 10.44
N MET C 110 15.96 -0.19 10.63
CA MET C 110 15.13 0.41 11.64
C MET C 110 14.78 -0.63 12.70
N PHE C 111 15.08 -0.33 13.95
CA PHE C 111 14.77 -1.24 15.04
C PHE C 111 13.38 -0.93 15.59
N THR C 112 12.55 -1.96 15.71
CA THR C 112 11.15 -1.80 16.09
C THR C 112 10.82 -2.54 17.39
N GLY C 113 11.81 -2.91 18.17
CA GLY C 113 11.57 -3.60 19.42
C GLY C 113 11.11 -2.66 20.50
N PRO C 114 10.76 -3.24 21.65
CA PRO C 114 10.38 -2.42 22.81
C PRO C 114 11.53 -1.55 23.28
N THR C 115 11.21 -0.62 24.18
CA THR C 115 12.23 0.26 24.74
C THR C 115 13.20 -0.47 25.65
N ASP C 116 12.89 -1.70 26.04
CA ASP C 116 13.75 -2.53 26.89
C ASP C 116 14.26 -3.75 26.14
N ALA C 117 14.63 -3.57 24.88
CA ALA C 117 15.04 -4.67 24.01
C ALA C 117 16.31 -4.30 23.26
N LYS C 118 17.32 -3.85 23.99
CA LYS C 118 18.54 -3.35 23.37
C LYS C 118 19.24 -4.44 22.56
N ALA C 119 19.84 -4.03 21.43
CA ALA C 119 20.54 -4.97 20.57
C ALA C 119 21.71 -4.26 19.91
N ARG C 120 22.66 -5.06 19.43
CA ARG C 120 23.86 -4.58 18.77
C ARG C 120 24.06 -5.40 17.50
N TYR C 121 24.10 -4.72 16.36
CA TYR C 121 24.16 -5.34 15.05
C TYR C 121 25.45 -4.96 14.32
N MET C 122 25.81 -5.78 13.33
CA MET C 122 26.89 -5.48 12.41
C MET C 122 26.45 -5.79 11.00
N VAL C 123 26.82 -4.92 10.05
CA VAL C 123 26.61 -5.14 8.63
C VAL C 123 27.96 -5.10 7.93
N ALA C 124 28.22 -6.08 7.09
CA ALA C 124 29.51 -6.22 6.42
C ALA C 124 29.30 -6.44 4.93
N TYR C 125 30.25 -5.94 4.14
CA TYR C 125 30.25 -6.13 2.69
C TYR C 125 31.41 -7.05 2.34
N ALA C 126 31.10 -8.21 1.76
CA ALA C 126 32.12 -9.16 1.36
C ALA C 126 32.35 -9.04 -0.13
N PRO C 127 33.50 -8.54 -0.57
CA PRO C 127 33.76 -8.41 -2.00
C PRO C 127 33.98 -9.78 -2.64
N PRO C 128 33.82 -9.90 -3.96
CA PRO C 128 34.02 -11.19 -4.61
C PRO C 128 35.46 -11.66 -4.53
N GLY C 129 35.62 -12.98 -4.53
CA GLY C 129 36.93 -13.59 -4.44
C GLY C 129 37.08 -14.58 -3.30
N MET C 130 36.08 -14.72 -2.44
CA MET C 130 36.16 -15.64 -1.32
C MET C 130 34.74 -15.97 -0.88
N GLU C 131 34.60 -17.09 -0.19
CA GLU C 131 33.30 -17.49 0.33
C GLU C 131 32.81 -16.44 1.33
N PRO C 132 31.51 -16.13 1.35
CA PRO C 132 31.01 -15.11 2.26
C PRO C 132 31.26 -15.51 3.70
N PRO C 133 31.49 -14.54 4.58
CA PRO C 133 31.77 -14.88 5.98
C PRO C 133 30.58 -15.55 6.64
N THR C 134 30.88 -16.51 7.52
CA THR C 134 29.84 -17.20 8.27
C THR C 134 29.70 -16.70 9.70
N THR C 135 30.73 -16.05 10.24
CA THR C 135 30.71 -15.52 11.58
C THR C 135 31.11 -14.06 11.56
N PRO C 136 30.60 -13.25 12.49
CA PRO C 136 31.03 -11.84 12.53
C PRO C 136 32.51 -11.66 12.79
N GLU C 137 33.17 -12.63 13.43
CA GLU C 137 34.61 -12.53 13.62
C GLU C 137 35.35 -12.54 12.29
N ALA C 138 34.93 -13.41 11.37
CA ALA C 138 35.56 -13.44 10.05
C ALA C 138 35.14 -12.22 9.23
N ALA C 139 33.90 -11.78 9.37
CA ALA C 139 33.42 -10.62 8.62
C ALA C 139 33.98 -9.31 9.13
N ALA C 140 34.60 -9.30 10.32
CA ALA C 140 35.20 -8.08 10.84
C ALA C 140 36.40 -7.62 10.02
N HIS C 141 36.93 -8.45 9.14
CA HIS C 141 38.04 -8.07 8.29
C HIS C 141 37.59 -7.43 6.99
N CYS C 142 36.28 -7.38 6.74
CA CYS C 142 35.73 -6.73 5.57
C CYS C 142 35.31 -5.30 5.93
N ILE C 143 34.81 -4.57 4.94
CA ILE C 143 34.25 -3.24 5.18
C ILE C 143 32.93 -3.42 5.91
N HIS C 144 32.88 -3.00 7.18
CA HIS C 144 31.72 -3.26 8.02
C HIS C 144 31.43 -2.07 8.92
N ALA C 145 30.23 -2.07 9.48
CA ALA C 145 29.78 -1.07 10.44
C ALA C 145 28.96 -1.75 11.53
N GLU C 146 29.22 -1.37 12.77
CA GLU C 146 28.50 -1.87 13.93
C GLU C 146 27.65 -0.75 14.52
N TRP C 147 26.49 -1.11 15.09
CA TRP C 147 25.65 -0.07 15.68
C TRP C 147 24.74 -0.65 16.76
N ASP C 148 24.51 0.17 17.78
CA ASP C 148 23.60 -0.10 18.89
C ASP C 148 22.17 0.28 18.51
N THR C 149 21.24 -0.02 19.42
CA THR C 149 19.88 0.47 19.35
C THR C 149 19.63 1.39 20.53
N GLY C 150 19.04 2.55 20.26
CA GLY C 150 18.81 3.54 21.31
C GLY C 150 17.73 4.53 20.93
N LEU C 151 17.99 5.81 21.22
CA LEU C 151 17.02 6.85 20.88
C LEU C 151 16.80 6.93 19.37
N ASN C 152 17.87 6.86 18.58
CA ASN C 152 17.77 6.84 17.13
C ASN C 152 17.58 5.40 16.68
N SER C 153 16.44 5.13 16.06
CA SER C 153 16.08 3.76 15.70
C SER C 153 16.52 3.35 14.30
N LYS C 154 16.99 4.28 13.47
CA LYS C 154 17.38 3.97 12.10
C LYS C 154 18.85 4.24 11.91
N PHE C 155 19.54 3.30 11.26
CA PHE C 155 20.95 3.41 10.92
C PHE C 155 21.12 3.17 9.43
N THR C 156 21.89 4.01 8.77
CA THR C 156 22.08 3.95 7.33
C THR C 156 23.50 3.55 7.00
N PHE C 157 23.66 2.53 6.16
CA PHE C 157 24.96 2.05 5.74
C PHE C 157 25.06 2.09 4.22
N SER C 158 26.18 2.58 3.71
CA SER C 158 26.39 2.76 2.28
C SER C 158 27.23 1.61 1.75
N ILE C 159 26.62 0.70 1.01
CA ILE C 159 27.34 -0.33 0.30
C ILE C 159 28.08 0.33 -0.85
N PRO C 160 29.40 0.24 -0.87
CA PRO C 160 30.18 0.94 -1.90
C PRO C 160 30.23 0.16 -3.20
N TYR C 161 30.57 0.88 -4.26
CA TYR C 161 30.77 0.25 -5.56
C TYR C 161 32.24 -0.10 -5.69
N LEU C 162 32.55 -1.39 -5.62
CA LEU C 162 33.90 -1.92 -5.79
C LEU C 162 33.87 -2.95 -6.90
N SER C 163 34.46 -2.60 -8.05
CA SER C 163 34.46 -3.49 -9.19
C SER C 163 35.70 -3.22 -10.03
N ALA C 164 36.07 -4.22 -10.84
CA ALA C 164 37.15 -4.01 -11.81
C ALA C 164 36.72 -3.04 -12.89
N ALA C 165 35.53 -3.25 -13.46
CA ALA C 165 34.99 -2.36 -14.48
C ALA C 165 34.33 -1.16 -13.84
N ASP C 166 34.11 -0.13 -14.66
CA ASP C 166 33.49 1.10 -14.17
C ASP C 166 31.99 0.93 -13.97
N TYR C 167 31.35 0.05 -14.73
CA TYR C 167 29.93 -0.22 -14.57
C TYR C 167 29.71 -1.71 -14.40
N ALA C 168 28.67 -2.06 -13.65
CA ALA C 168 28.34 -3.45 -13.38
C ALA C 168 26.97 -3.78 -13.95
N TYR C 169 26.80 -5.03 -14.34
CA TYR C 169 25.54 -5.48 -14.92
C TYR C 169 24.46 -5.52 -13.84
N THR C 170 23.27 -5.00 -14.18
CA THR C 170 22.14 -5.08 -13.27
C THR C 170 21.52 -6.47 -13.24
N ALA C 171 21.63 -7.21 -14.34
CA ALA C 171 21.09 -8.56 -14.43
C ALA C 171 22.20 -9.58 -14.26
N SER C 172 21.85 -10.72 -13.67
CA SER C 172 22.80 -11.80 -13.45
C SER C 172 22.67 -12.84 -14.56
N ASP C 173 23.81 -13.40 -14.95
CA ASP C 173 23.84 -14.42 -16.00
C ASP C 173 23.69 -15.81 -15.39
N VAL C 174 23.13 -16.73 -16.18
CA VAL C 174 22.87 -18.08 -15.68
C VAL C 174 24.15 -18.81 -15.36
N ALA C 175 25.23 -18.58 -16.13
CA ALA C 175 26.48 -19.29 -15.88
C ALA C 175 27.18 -18.83 -14.61
N GLU C 176 26.90 -17.62 -14.13
CA GLU C 176 27.56 -17.09 -12.94
C GLU C 176 26.89 -17.67 -11.71
N THR C 177 27.52 -18.70 -11.12
CA THR C 177 26.96 -19.32 -9.92
C THR C 177 27.13 -18.43 -8.70
N THR C 178 28.29 -17.81 -8.55
CA THR C 178 28.55 -16.87 -7.46
C THR C 178 28.37 -15.44 -7.96
N ASN C 179 27.82 -14.59 -7.11
CA ASN C 179 27.59 -13.20 -7.49
C ASN C 179 28.91 -12.51 -7.79
N VAL C 180 28.92 -11.72 -8.86
CA VAL C 180 30.16 -11.06 -9.28
C VAL C 180 30.42 -9.79 -8.50
N GLN C 181 29.42 -9.25 -7.79
CA GLN C 181 29.59 -8.04 -7.00
C GLN C 181 29.66 -8.31 -5.51
N GLY C 182 29.82 -9.56 -5.11
CA GLY C 182 29.97 -9.88 -3.71
C GLY C 182 28.64 -10.03 -2.99
N TRP C 183 28.71 -10.01 -1.67
CA TRP C 183 27.57 -10.26 -0.82
C TRP C 183 27.51 -9.24 0.30
N VAL C 184 26.30 -9.00 0.79
CA VAL C 184 26.06 -8.18 1.98
C VAL C 184 25.59 -9.11 3.08
N CYS C 185 26.30 -9.10 4.19
CA CYS C 185 26.00 -9.95 5.33
C CYS C 185 25.57 -9.07 6.49
N LEU C 186 24.42 -9.38 7.08
CA LEU C 186 23.92 -8.73 8.28
C LEU C 186 23.95 -9.74 9.42
N PHE C 187 24.75 -9.44 10.44
CA PHE C 187 24.87 -10.25 11.64
C PHE C 187 24.22 -9.55 12.82
N GLN C 188 23.98 -10.32 13.87
CA GLN C 188 23.53 -9.78 15.15
C GLN C 188 24.64 -10.03 16.17
N ILE C 189 25.35 -8.97 16.54
CA ILE C 189 26.44 -9.12 17.51
C ILE C 189 25.89 -9.61 18.84
N THR C 190 24.87 -8.95 19.35
CA THR C 190 24.30 -9.35 20.63
C THR C 190 22.93 -8.70 20.80
N HIS C 191 22.21 -9.12 21.84
CA HIS C 191 20.92 -8.51 22.14
C HIS C 191 20.65 -8.63 23.62
N GLY C 192 19.77 -7.76 24.11
CA GLY C 192 19.30 -7.82 25.47
C GLY C 192 18.12 -8.75 25.55
N LYS C 193 17.00 -8.27 26.06
CA LYS C 193 15.77 -9.07 26.06
C LYS C 193 14.97 -8.81 24.79
N ALA C 194 15.63 -8.97 23.65
CA ALA C 194 15.08 -8.61 22.35
C ALA C 194 14.72 -9.84 21.52
N ASP C 195 14.27 -10.91 22.16
CA ASP C 195 13.92 -12.11 21.44
C ASP C 195 12.64 -11.90 20.64
N GLY C 196 12.68 -12.24 19.35
CA GLY C 196 11.53 -12.08 18.50
C GLY C 196 11.24 -10.67 18.06
N ASP C 197 12.23 -9.78 18.11
CA ASP C 197 12.06 -8.41 17.65
C ASP C 197 12.44 -8.28 16.19
N ALA C 198 11.88 -7.27 15.55
CA ALA C 198 12.00 -7.09 14.11
C ALA C 198 12.97 -5.96 13.80
N LEU C 199 13.88 -6.20 12.86
CA LEU C 199 14.73 -5.17 12.28
C LEU C 199 14.30 -5.01 10.83
N VAL C 200 13.73 -3.85 10.51
CA VAL C 200 13.16 -3.59 9.19
C VAL C 200 14.24 -2.99 8.30
N VAL C 201 14.42 -3.55 7.11
CA VAL C 201 15.48 -3.12 6.21
C VAL C 201 14.87 -2.52 4.95
N LEU C 202 15.33 -1.32 4.60
CA LEU C 202 14.93 -0.62 3.39
C LEU C 202 16.15 -0.35 2.54
N ALA C 203 15.92 -0.15 1.24
CA ALA C 203 17.00 0.13 0.30
C ALA C 203 16.69 1.39 -0.49
N SER C 204 17.75 2.12 -0.83
CA SER C 204 17.62 3.30 -1.67
C SER C 204 18.94 3.52 -2.42
N ALA C 205 18.93 4.49 -3.32
CA ALA C 205 20.12 4.82 -4.09
C ALA C 205 20.94 5.89 -3.39
N GLY C 206 22.25 5.79 -3.54
CA GLY C 206 23.16 6.77 -2.99
C GLY C 206 23.31 7.98 -3.89
N LYS C 207 24.21 8.88 -3.49
CA LYS C 207 24.45 10.09 -4.27
C LYS C 207 24.97 9.79 -5.67
N ASP C 208 25.89 8.82 -5.79
CA ASP C 208 26.56 8.55 -7.04
C ASP C 208 25.97 7.37 -7.80
N PHE C 209 24.76 6.94 -7.44
CA PHE C 209 24.13 5.82 -8.14
C PHE C 209 23.67 6.25 -9.52
N ASP C 210 23.97 5.43 -10.51
CA ASP C 210 23.65 5.71 -11.91
C ASP C 210 23.15 4.44 -12.58
N LEU C 211 22.17 4.60 -13.46
CA LEU C 211 21.67 3.54 -14.31
C LEU C 211 21.82 3.95 -15.78
N ARG C 212 22.23 3.00 -16.63
CA ARG C 212 22.51 3.29 -18.02
C ARG C 212 22.11 2.11 -18.89
N LEU C 213 21.98 2.41 -20.19
CA LEU C 213 21.62 1.49 -21.27
C LEU C 213 20.23 0.89 -21.09
N PRO C 214 19.18 1.67 -21.33
CA PRO C 214 17.82 1.16 -21.20
C PRO C 214 17.56 -0.06 -22.09
N VAL C 215 16.79 -1.01 -21.57
CA VAL C 215 16.48 -2.24 -22.28
C VAL C 215 15.10 -2.70 -21.85
N ASP C 216 14.38 -3.31 -22.78
CA ASP C 216 13.05 -3.87 -22.53
C ASP C 216 13.14 -5.38 -22.63
N ALA C 217 13.17 -6.05 -21.48
CA ALA C 217 13.29 -7.50 -21.42
C ALA C 217 12.18 -8.12 -20.59
N ARG C 218 10.96 -7.60 -20.74
CA ARG C 218 9.76 -8.06 -20.03
C ARG C 218 9.85 -7.83 -18.54
N ALA C 219 8.73 -7.92 -17.84
CA ALA C 219 8.66 -7.70 -16.40
C ALA C 219 7.35 -8.17 -15.82
N SER D 15 13.79 18.08 -22.80
CA SER D 15 13.61 17.54 -24.14
C SER D 15 14.54 16.35 -24.37
N GLY D 16 13.95 15.16 -24.43
CA GLY D 16 14.70 13.94 -24.65
C GLY D 16 14.54 13.42 -26.07
N ASN D 17 15.58 12.74 -26.56
CA ASN D 17 15.61 12.18 -27.91
C ASN D 17 15.35 13.24 -28.96
N THR D 18 16.08 14.35 -28.89
CA THR D 18 16.01 15.40 -29.90
C THR D 18 17.09 15.22 -30.96
N GLY D 19 18.36 15.29 -30.54
CA GLY D 19 19.46 14.91 -31.41
C GLY D 19 19.53 15.63 -32.74
N SER D 20 19.01 16.85 -32.82
CA SER D 20 19.04 17.61 -34.06
C SER D 20 19.55 19.03 -33.78
N ILE D 21 20.47 19.49 -34.62
CA ILE D 21 21.01 20.84 -34.49
C ILE D 21 20.30 21.85 -35.38
N ILE D 22 19.39 21.40 -36.23
CA ILE D 22 18.64 22.26 -37.13
C ILE D 22 17.29 22.55 -36.51
N ASN D 23 16.87 23.81 -36.58
CA ASN D 23 15.55 24.19 -36.06
C ASN D 23 14.46 23.45 -36.81
N ASN D 24 13.38 23.13 -36.10
CA ASN D 24 12.27 22.40 -36.69
C ASN D 24 11.67 23.17 -37.86
N TYR D 25 11.32 22.44 -38.92
CA TYR D 25 10.75 23.07 -40.09
C TYR D 25 9.41 23.73 -39.77
N TYR D 26 8.61 23.10 -38.93
CA TYR D 26 7.31 23.63 -38.56
C TYR D 26 7.41 24.48 -37.31
N MET D 27 6.50 25.44 -37.20
CA MET D 27 6.45 26.28 -36.01
C MET D 27 6.05 25.45 -34.79
N GLN D 28 6.50 25.90 -33.62
CA GLN D 28 6.13 25.21 -32.39
C GLN D 28 4.63 25.23 -32.14
N GLN D 29 3.92 26.20 -32.73
CA GLN D 29 2.48 26.26 -32.59
C GLN D 29 1.80 25.04 -33.20
N TYR D 30 2.33 24.53 -34.31
CA TYR D 30 1.79 23.35 -34.96
C TYR D 30 2.45 22.07 -34.49
N GLN D 31 3.77 22.10 -34.27
CA GLN D 31 4.50 20.88 -33.93
C GLN D 31 4.04 20.30 -32.59
N ASN D 32 3.85 21.16 -31.60
CA ASN D 32 3.46 20.75 -30.27
C ASN D 32 2.27 21.59 -29.80
N SER D 33 1.52 21.05 -28.85
CA SER D 33 0.46 21.82 -28.22
C SER D 33 1.06 22.87 -27.30
N MET D 34 0.56 24.10 -27.41
CA MET D 34 1.07 25.20 -26.59
C MET D 34 0.60 25.07 -25.15
N ASP D 35 1.48 25.43 -24.22
CA ASP D 35 1.17 25.38 -22.79
C ASP D 35 0.80 26.77 -22.29
N THR D 36 -0.25 26.83 -21.48
CA THR D 36 -0.73 28.09 -20.91
C THR D 36 -0.36 28.16 -19.45
N GLN D 37 -0.02 29.36 -18.99
CA GLN D 37 0.31 29.60 -17.59
C GLN D 37 -0.89 30.20 -16.87
N LEU D 38 -0.93 30.01 -15.56
CA LEU D 38 -2.01 30.49 -14.72
C LEU D 38 -1.45 31.36 -13.60
N GLY D 39 -2.11 32.49 -13.36
CA GLY D 39 -1.69 33.41 -12.31
C GLY D 39 -0.40 34.13 -12.64
N ASN D 65 6.88 22.91 -9.52
CA ASN D 65 8.33 22.77 -9.67
C ASN D 65 8.72 21.34 -9.33
N ASP D 66 10.01 21.02 -9.45
CA ASP D 66 10.49 19.66 -9.20
C ASP D 66 10.48 19.38 -7.70
N TRP D 67 9.48 18.62 -7.25
CA TRP D 67 9.37 18.32 -5.84
C TRP D 67 10.41 17.29 -5.40
N PHE D 68 10.60 16.24 -6.18
CA PHE D 68 11.45 15.15 -5.73
C PHE D 68 12.92 15.44 -5.90
N SER D 69 13.29 16.27 -6.88
CA SER D 69 14.65 16.81 -6.91
C SER D 69 14.93 17.62 -5.66
N LYS D 70 13.94 18.40 -5.22
CA LYS D 70 14.08 19.16 -3.97
C LYS D 70 14.23 18.23 -2.77
N LEU D 71 13.46 17.14 -2.74
CA LEU D 71 13.59 16.17 -1.65
C LEU D 71 14.98 15.53 -1.64
N ALA D 72 15.45 15.10 -2.80
CA ALA D 72 16.75 14.44 -2.87
C ALA D 72 17.88 15.40 -2.49
N ASN D 73 17.79 16.66 -2.91
CA ASN D 73 18.85 17.60 -2.64
C ASN D 73 18.90 17.99 -1.17
N THR D 74 17.75 18.06 -0.50
CA THR D 74 17.71 18.44 0.91
C THR D 74 17.84 17.24 1.84
N ALA D 75 18.27 16.09 1.34
CA ALA D 75 18.42 14.90 2.17
C ALA D 75 19.53 15.10 3.19
N PHE D 76 19.31 14.55 4.38
CA PHE D 76 20.30 14.64 5.44
C PHE D 76 21.45 13.68 5.17
N SER D 77 22.68 14.20 5.24
CA SER D 77 23.87 13.40 5.04
C SER D 77 24.86 13.69 6.14
N GLY D 78 25.82 12.78 6.33
CA GLY D 78 26.82 12.91 7.35
C GLY D 78 26.36 12.35 8.69
N LEU D 79 27.31 12.32 9.63
CA LEU D 79 27.06 11.75 10.94
C LEU D 79 26.09 12.62 11.73
N PHE D 80 25.38 11.99 12.67
CA PHE D 80 24.43 12.72 13.51
C PHE D 80 25.13 13.34 14.71
N GLY D 81 25.76 12.52 15.54
CA GLY D 81 26.43 13.01 16.74
C GLY D 81 27.94 13.08 16.60
N ALA D 82 28.65 12.47 17.53
CA ALA D 82 30.11 12.42 17.49
C ALA D 82 30.56 11.31 16.52
N LEU D 83 31.84 10.98 16.55
CA LEU D 83 32.42 10.01 15.63
C LEU D 83 32.59 8.66 16.31
N LEU D 84 32.20 7.59 15.62
CA LEU D 84 32.29 6.24 16.17
C LEU D 84 33.67 5.62 15.93
N ALA D 85 34.08 5.50 14.67
CA ALA D 85 35.35 4.87 14.34
C ALA D 85 35.95 5.35 13.03
N GLU E 1 -31.30 -1.57 11.61
CA GLU E 1 -30.73 -2.54 12.55
C GLU E 1 -29.70 -3.42 11.86
N GLU E 2 -28.56 -3.62 12.52
CA GLU E 2 -27.51 -4.49 12.00
C GLU E 2 -27.88 -5.94 12.25
N LYS E 3 -27.99 -6.73 11.18
CA LYS E 3 -28.37 -8.12 11.34
C LYS E 3 -27.76 -8.94 10.22
N VAL E 4 -27.65 -10.24 10.46
CA VAL E 4 -27.18 -11.21 9.48
C VAL E 4 -28.08 -12.43 9.53
N VAL E 5 -28.32 -13.03 8.37
CA VAL E 5 -29.17 -14.21 8.26
C VAL E 5 -28.41 -15.29 7.50
N GLU E 6 -28.56 -16.54 7.95
CA GLU E 6 -27.91 -17.69 7.33
C GLU E 6 -28.95 -18.53 6.60
N SER E 7 -28.54 -19.10 5.48
CA SER E 7 -29.42 -19.93 4.67
C SER E 7 -28.60 -21.03 4.01
N GLY E 8 -29.30 -22.06 3.56
CA GLY E 8 -28.66 -23.16 2.88
C GLY E 8 -28.46 -24.43 3.68
N GLY E 9 -29.00 -24.50 4.89
CA GLY E 9 -28.89 -25.69 5.70
C GLY E 9 -29.92 -26.73 5.34
N GLY E 10 -29.96 -27.79 6.14
CA GLY E 10 -30.91 -28.85 5.97
C GLY E 10 -30.30 -30.20 6.31
N LEU E 11 -30.93 -31.25 5.81
CA LEU E 11 -30.49 -32.62 6.03
C LEU E 11 -29.75 -33.11 4.78
N VAL E 12 -28.53 -33.58 4.98
CA VAL E 12 -27.67 -34.01 3.86
C VAL E 12 -26.96 -35.30 4.23
N GLN E 13 -26.89 -36.22 3.26
CA GLN E 13 -26.20 -37.48 3.45
C GLN E 13 -24.71 -37.22 3.72
N PRO E 14 -24.09 -37.98 4.62
CA PRO E 14 -22.65 -37.79 4.86
C PRO E 14 -21.82 -38.07 3.63
N GLY E 15 -20.72 -37.32 3.49
CA GLY E 15 -19.92 -37.33 2.30
C GLY E 15 -20.30 -36.31 1.26
N GLY E 16 -21.41 -35.61 1.45
CA GLY E 16 -21.87 -34.60 0.51
C GLY E 16 -21.26 -33.24 0.78
N SER E 17 -21.76 -32.25 0.05
CA SER E 17 -21.27 -30.88 0.14
C SER E 17 -22.46 -29.93 0.10
N LEU E 18 -22.31 -28.78 0.76
CA LEU E 18 -23.34 -27.76 0.71
C LEU E 18 -22.75 -26.42 1.11
N ARG E 19 -23.38 -25.34 0.67
CA ARG E 19 -22.84 -23.99 0.84
C ARG E 19 -23.78 -23.15 1.67
N LEU E 20 -23.35 -22.78 2.88
CA LEU E 20 -24.05 -21.79 3.68
C LEU E 20 -23.87 -20.40 3.10
N SER E 21 -24.94 -19.61 3.10
CA SER E 21 -24.95 -18.25 2.63
C SER E 21 -25.32 -17.32 3.79
N CYS E 22 -24.53 -16.27 3.96
CA CYS E 22 -24.72 -15.24 4.96
C CYS E 22 -25.07 -13.94 4.27
N VAL E 23 -26.23 -13.37 4.61
CA VAL E 23 -26.66 -12.09 4.04
C VAL E 23 -26.76 -11.11 5.19
N GLY E 24 -26.09 -9.97 5.05
CA GLY E 24 -26.05 -8.95 6.09
C GLY E 24 -26.78 -7.70 5.66
N SER E 25 -27.51 -7.10 6.59
CA SER E 25 -28.26 -5.88 6.34
C SER E 25 -28.06 -4.91 7.50
N GLY E 26 -28.17 -3.62 7.19
CA GLY E 26 -28.02 -2.58 8.18
C GLY E 26 -26.59 -2.12 8.41
N PHE E 27 -25.63 -2.60 7.63
CA PHE E 27 -24.25 -2.18 7.78
C PHE E 27 -23.54 -2.35 6.45
N ASN E 28 -22.36 -1.73 6.34
CA ASN E 28 -21.54 -1.84 5.15
C ASN E 28 -20.74 -3.15 5.25
N PHE E 29 -21.14 -4.15 4.46
CA PHE E 29 -20.52 -5.46 4.53
C PHE E 29 -19.05 -5.44 4.18
N LYS E 30 -18.60 -4.44 3.42
CA LYS E 30 -17.22 -4.37 2.99
C LYS E 30 -16.25 -4.08 4.13
N ASN E 31 -16.73 -3.46 5.22
CA ASN E 31 -15.86 -2.95 6.26
C ASN E 31 -15.74 -3.86 7.47
N TYR E 32 -16.22 -5.10 7.38
CA TYR E 32 -16.30 -5.96 8.55
C TYR E 32 -15.77 -7.36 8.23
N GLU E 33 -15.17 -7.98 9.25
CA GLU E 33 -14.67 -9.34 9.14
C GLU E 33 -15.76 -10.33 9.49
N ILE E 34 -15.69 -11.51 8.89
CA ILE E 34 -16.75 -12.52 9.02
C ILE E 34 -16.16 -13.77 9.65
N ASN E 35 -16.80 -14.24 10.71
CA ASN E 35 -16.49 -15.53 11.33
C ASN E 35 -17.63 -16.51 11.08
N TRP E 36 -17.27 -17.77 10.95
CA TRP E 36 -18.25 -18.86 10.91
C TRP E 36 -17.96 -19.77 12.09
N VAL E 37 -18.95 -19.92 12.96
CA VAL E 37 -18.85 -20.81 14.12
C VAL E 37 -19.99 -21.80 14.05
N ARG E 38 -19.94 -22.82 14.91
CA ARG E 38 -21.02 -23.79 14.96
C ARG E 38 -21.21 -24.25 16.40
N GLN E 39 -22.41 -24.71 16.69
CA GLN E 39 -22.77 -25.21 18.02
C GLN E 39 -23.50 -26.54 17.86
N ALA E 40 -22.93 -27.59 18.44
CA ALA E 40 -23.61 -28.88 18.42
C ALA E 40 -24.75 -28.88 19.44
N PRO E 41 -25.79 -29.67 19.20
CA PRO E 41 -26.92 -29.72 20.15
C PRO E 41 -26.45 -30.19 21.52
N GLY E 42 -26.57 -29.30 22.50
CA GLY E 42 -26.16 -29.61 23.85
C GLY E 42 -24.67 -29.48 24.14
N LYS E 43 -23.89 -28.99 23.18
CA LYS E 43 -22.46 -28.83 23.34
C LYS E 43 -22.09 -27.35 23.30
N ALA E 44 -20.79 -27.09 23.34
CA ALA E 44 -20.27 -25.74 23.37
C ALA E 44 -19.98 -25.24 21.95
N LEU E 45 -19.83 -23.92 21.83
CA LEU E 45 -19.54 -23.31 20.54
C LEU E 45 -18.17 -23.73 20.03
N GLU E 46 -18.04 -23.80 18.72
CA GLU E 46 -16.77 -24.15 18.07
C GLU E 46 -16.55 -23.21 16.91
N TRP E 47 -15.44 -22.46 16.94
CA TRP E 47 -15.10 -21.55 15.87
C TRP E 47 -14.54 -22.32 14.69
N LEU E 48 -15.07 -22.06 13.49
CA LEU E 48 -14.67 -22.80 12.30
C LEU E 48 -13.78 -21.99 11.37
N ALA E 49 -14.23 -20.82 10.92
CA ALA E 49 -13.53 -20.12 9.86
C ALA E 49 -13.56 -18.62 10.10
N TYR E 50 -12.62 -17.91 9.49
CA TYR E 50 -12.53 -16.46 9.61
C TYR E 50 -11.97 -15.87 8.32
N ILE E 51 -12.59 -14.79 7.85
CA ILE E 51 -12.18 -14.08 6.65
C ILE E 51 -12.21 -12.59 6.92
N THR E 52 -11.25 -11.88 6.33
CA THR E 52 -11.08 -10.45 6.53
C THR E 52 -11.94 -9.66 5.54
N GLN E 53 -11.69 -8.35 5.45
CA GLN E 53 -12.56 -7.49 4.67
C GLN E 53 -12.40 -7.71 3.17
N THR E 54 -11.16 -7.86 2.70
CA THR E 54 -10.88 -8.01 1.28
C THR E 54 -10.41 -9.42 0.94
N SER E 55 -10.71 -10.40 1.79
CA SER E 55 -10.37 -11.81 1.55
C SER E 55 -8.86 -12.02 1.40
N ASP E 56 -8.07 -11.17 2.03
CA ASP E 56 -6.62 -11.28 1.95
C ASP E 56 -6.04 -12.21 3.00
N PHE E 57 -6.64 -12.30 4.18
CA PHE E 57 -6.25 -13.25 5.20
C PHE E 57 -7.44 -14.15 5.53
N ILE E 58 -7.22 -15.46 5.45
CA ILE E 58 -8.26 -16.45 5.69
C ILE E 58 -7.70 -17.52 6.62
N TYR E 59 -8.47 -17.89 7.63
CA TYR E 59 -8.05 -18.89 8.61
C TYR E 59 -9.15 -19.91 8.83
N TYR E 60 -8.75 -21.15 9.06
CA TYR E 60 -9.67 -22.24 9.36
C TYR E 60 -9.21 -22.97 10.60
N ALA E 61 -10.18 -23.53 11.33
CA ALA E 61 -9.86 -24.41 12.44
C ALA E 61 -9.22 -25.70 11.92
N ASP E 62 -8.34 -26.27 12.74
CA ASP E 62 -7.62 -27.48 12.33
C ASP E 62 -8.57 -28.64 12.08
N SER E 63 -9.74 -28.65 12.71
CA SER E 63 -10.69 -29.75 12.49
C SER E 63 -11.37 -29.66 11.14
N VAL E 64 -11.49 -28.46 10.57
CA VAL E 64 -12.19 -28.26 9.31
C VAL E 64 -11.28 -27.64 8.25
N LYS E 65 -9.96 -27.71 8.44
CA LYS E 65 -9.04 -27.16 7.47
C LYS E 65 -8.98 -28.08 6.24
N GLY E 66 -9.11 -27.49 5.06
CA GLY E 66 -9.17 -28.23 3.81
C GLY E 66 -10.56 -28.70 3.45
N ARG E 67 -11.29 -29.21 4.43
CA ARG E 67 -12.67 -29.63 4.20
C ARG E 67 -13.57 -28.44 3.87
N PHE E 68 -13.41 -27.34 4.57
CA PHE E 68 -14.27 -26.17 4.41
C PHE E 68 -13.57 -25.10 3.60
N THR E 69 -14.36 -24.15 3.08
CA THR E 69 -13.82 -23.02 2.35
C THR E 69 -14.71 -21.81 2.59
N ILE E 70 -14.13 -20.72 3.08
CA ILE E 70 -14.87 -19.49 3.37
C ILE E 70 -14.49 -18.45 2.34
N SER E 71 -15.49 -17.74 1.84
CA SER E 71 -15.29 -16.67 0.87
C SER E 71 -16.35 -15.60 1.12
N ARG E 72 -16.27 -14.52 0.36
CA ARG E 72 -17.25 -13.45 0.50
C ARG E 72 -17.37 -12.68 -0.81
N ASP E 73 -18.54 -12.05 -0.98
CA ASP E 73 -18.81 -11.14 -2.08
C ASP E 73 -19.39 -9.88 -1.47
N ASN E 74 -18.62 -8.78 -1.53
CA ASN E 74 -19.05 -7.53 -0.91
C ASN E 74 -20.14 -6.84 -1.71
N SER E 75 -20.15 -7.01 -3.04
CA SER E 75 -21.20 -6.40 -3.86
C SER E 75 -22.57 -6.97 -3.49
N ARG E 76 -22.65 -8.28 -3.28
CA ARG E 76 -23.90 -8.91 -2.87
C ARG E 76 -24.13 -8.85 -1.36
N ASN E 77 -23.19 -8.29 -0.61
CA ASN E 77 -23.26 -8.25 0.86
C ASN E 77 -23.43 -9.66 1.43
N THR E 78 -22.69 -10.62 0.89
CA THR E 78 -22.85 -12.01 1.28
C THR E 78 -21.51 -12.64 1.63
N ALA E 79 -21.57 -13.67 2.47
CA ALA E 79 -20.44 -14.52 2.78
C ALA E 79 -20.84 -15.96 2.52
N TYR E 80 -19.89 -16.79 2.11
CA TYR E 80 -20.18 -18.16 1.77
C TYR E 80 -19.26 -19.10 2.54
N LEU E 81 -19.84 -20.19 3.05
CA LEU E 81 -19.09 -21.27 3.68
C LEU E 81 -19.42 -22.56 2.94
N GLN E 82 -18.53 -23.00 2.07
CA GLN E 82 -18.71 -24.24 1.31
C GLN E 82 -18.11 -25.39 2.10
N MET E 83 -18.94 -26.36 2.47
CA MET E 83 -18.51 -27.51 3.25
C MET E 83 -18.50 -28.73 2.34
N ASN E 84 -17.38 -29.45 2.33
CA ASN E 84 -17.20 -30.65 1.52
C ASN E 84 -16.78 -31.79 2.41
N ASN E 85 -17.11 -33.01 1.97
CA ASN E 85 -16.80 -34.23 2.72
C ASN E 85 -17.36 -34.17 4.13
N LEU E 86 -18.62 -33.77 4.23
CA LEU E 86 -19.27 -33.62 5.53
C LEU E 86 -19.38 -34.97 6.23
N ARG E 87 -19.10 -34.98 7.52
CA ARG E 87 -19.18 -36.17 8.35
C ARG E 87 -20.26 -35.99 9.40
N THR E 88 -20.60 -37.10 10.07
CA THR E 88 -21.67 -37.07 11.06
C THR E 88 -21.35 -36.15 12.23
N GLU E 89 -20.08 -35.86 12.47
CA GLU E 89 -19.70 -34.95 13.55
C GLU E 89 -20.06 -33.50 13.26
N ASP E 90 -20.46 -33.18 12.03
CA ASP E 90 -20.72 -31.80 11.64
C ASP E 90 -22.18 -31.39 11.80
N THR E 91 -23.04 -32.27 12.31
CA THR E 91 -24.44 -31.94 12.54
C THR E 91 -24.54 -30.91 13.66
N ALA E 92 -24.88 -29.67 13.31
CA ALA E 92 -24.86 -28.59 14.30
C ALA E 92 -25.60 -27.39 13.72
N ARG E 93 -25.79 -26.38 14.57
CA ARG E 93 -26.34 -25.11 14.15
C ARG E 93 -25.19 -24.17 13.84
N TYR E 94 -25.13 -23.68 12.61
CA TYR E 94 -24.02 -22.86 12.14
C TYR E 94 -24.40 -21.40 12.21
N PHE E 95 -23.55 -20.60 12.84
CA PHE E 95 -23.74 -19.16 12.99
C PHE E 95 -22.73 -18.40 12.16
N CYS E 96 -23.22 -17.45 11.37
CA CYS E 96 -22.41 -16.43 10.72
C CYS E 96 -22.35 -15.19 11.61
N THR E 97 -21.15 -14.80 12.01
CA THR E 97 -20.94 -13.71 12.95
C THR E 97 -20.16 -12.58 12.29
N ARG E 98 -20.63 -11.36 12.50
CA ARG E 98 -19.91 -10.17 12.05
C ARG E 98 -19.04 -9.65 13.19
N ALA E 99 -17.72 -9.72 13.00
CA ALA E 99 -16.79 -9.27 14.04
C ALA E 99 -16.59 -7.77 13.91
N GLY E 100 -17.14 -7.02 14.86
CA GLY E 100 -17.01 -5.57 14.82
C GLY E 100 -18.05 -4.88 15.68
N LEU E 101 -17.64 -3.81 16.36
CA LEU E 101 -18.52 -3.12 17.28
C LEU E 101 -17.96 -1.72 17.51
N THR E 102 -18.83 -0.80 17.92
CA THR E 102 -18.39 0.54 18.26
C THR E 102 -17.33 0.49 19.35
N GLY E 103 -16.10 0.87 19.01
CA GLY E 103 -14.99 0.67 19.91
C GLY E 103 -14.35 -0.68 19.84
N CYS E 104 -14.64 -1.47 18.80
CA CYS E 104 -14.06 -2.80 18.59
C CYS E 104 -13.95 -3.04 17.08
N LYS E 105 -12.77 -2.76 16.55
CA LYS E 105 -12.49 -2.97 15.12
C LYS E 105 -11.54 -4.12 14.87
N SER E 106 -11.62 -5.18 15.68
CA SER E 106 -10.75 -6.33 15.51
C SER E 106 -11.60 -7.58 15.27
N ARG E 107 -10.93 -8.73 15.24
CA ARG E 107 -11.59 -10.01 15.05
C ARG E 107 -12.05 -10.64 16.36
N HIS E 108 -11.65 -10.09 17.50
CA HIS E 108 -12.02 -10.66 18.80
C HIS E 108 -13.26 -9.97 19.36
N CYS E 109 -14.15 -9.48 18.49
CA CYS E 109 -15.35 -8.79 18.93
C CYS E 109 -16.57 -9.70 18.88
N MET E 110 -16.87 -10.25 17.70
CA MET E 110 -17.98 -11.18 17.49
C MET E 110 -19.28 -10.65 18.10
N TYR E 111 -19.72 -9.53 17.53
CA TYR E 111 -20.85 -8.78 18.06
C TYR E 111 -22.18 -9.25 17.48
N VAL E 112 -22.30 -9.23 16.15
CA VAL E 112 -23.56 -9.54 15.48
C VAL E 112 -23.61 -11.02 15.18
N TRP E 113 -24.69 -11.67 15.60
CA TRP E 113 -24.90 -13.10 15.38
C TRP E 113 -26.23 -13.30 14.67
N GLY E 114 -26.25 -14.22 13.72
CA GLY E 114 -27.48 -14.60 13.06
C GLY E 114 -28.22 -15.65 13.83
N PRO E 115 -29.45 -15.94 13.37
CA PRO E 115 -30.21 -17.03 14.01
C PRO E 115 -29.62 -18.40 13.79
N GLY E 116 -28.72 -18.56 12.82
CA GLY E 116 -28.07 -19.84 12.60
C GLY E 116 -28.89 -20.80 11.77
N ALA E 117 -28.22 -21.59 10.94
CA ALA E 117 -28.87 -22.57 10.09
C ALA E 117 -28.49 -23.98 10.55
N GLU E 118 -29.47 -24.85 10.65
CA GLU E 118 -29.23 -26.20 11.12
C GLU E 118 -28.74 -27.09 9.99
N VAL E 119 -27.71 -27.88 10.26
CA VAL E 119 -27.18 -28.86 9.32
C VAL E 119 -27.21 -30.21 10.01
N VAL E 120 -27.93 -31.16 9.39
CA VAL E 120 -28.09 -32.50 9.94
C VAL E 120 -27.42 -33.47 8.97
N VAL E 121 -26.34 -34.09 9.42
CA VAL E 121 -25.60 -35.07 8.63
C VAL E 121 -25.79 -36.42 9.28
N SER E 122 -26.53 -37.31 8.62
CA SER E 122 -26.78 -38.64 9.15
C SER E 122 -27.16 -39.56 8.02
N SER E 123 -27.07 -40.87 8.28
CA SER E 123 -27.41 -41.88 7.30
C SER E 123 -28.46 -42.84 7.85
N GLN F 1 -10.70 -28.28 23.17
CA GLN F 1 -10.96 -28.04 24.59
C GLN F 1 -9.87 -27.20 25.23
N THR F 2 -9.21 -27.77 26.23
CA THR F 2 -8.13 -27.14 27.00
C THR F 2 -8.57 -25.86 27.70
N VAL F 3 -9.87 -25.60 27.81
CA VAL F 3 -10.40 -24.44 28.50
C VAL F 3 -11.35 -24.93 29.59
N ILE F 4 -11.09 -24.50 30.82
CA ILE F 4 -11.84 -24.98 31.98
C ILE F 4 -12.75 -23.86 32.46
N GLN F 5 -14.03 -24.19 32.60
CA GLN F 5 -15.05 -23.35 33.21
C GLN F 5 -15.78 -24.16 34.26
N GLU F 6 -16.42 -23.46 35.19
CA GLU F 6 -17.27 -24.14 36.17
C GLU F 6 -18.49 -24.69 35.46
N PRO F 7 -18.82 -25.98 35.62
CA PRO F 7 -19.95 -26.55 34.88
C PRO F 7 -21.28 -25.86 35.16
N ALA F 8 -21.51 -25.44 36.40
CA ALA F 8 -22.74 -24.76 36.75
C ALA F 8 -22.53 -23.98 38.04
N MET F 9 -23.17 -22.82 38.13
CA MET F 9 -23.11 -21.99 39.32
C MET F 9 -24.48 -21.42 39.62
N SER F 10 -24.70 -21.07 40.88
CA SER F 10 -25.97 -20.53 41.34
C SER F 10 -25.73 -19.25 42.12
N VAL F 11 -26.58 -18.26 41.89
CA VAL F 11 -26.51 -16.97 42.57
C VAL F 11 -27.89 -16.58 43.05
N SER F 12 -27.96 -16.04 44.26
CA SER F 12 -29.23 -15.53 44.77
C SER F 12 -29.60 -14.24 44.04
N LEU F 13 -30.90 -13.95 44.01
CA LEU F 13 -31.37 -12.75 43.34
C LEU F 13 -30.78 -11.51 43.99
N GLY F 14 -30.22 -10.64 43.16
CA GLY F 14 -29.56 -9.45 43.66
C GLY F 14 -28.18 -9.65 44.23
N GLY F 15 -27.64 -10.86 44.14
CA GLY F 15 -26.34 -11.18 44.71
C GLY F 15 -25.20 -10.90 43.74
N THR F 16 -24.03 -11.42 44.10
CA THR F 16 -22.81 -11.25 43.32
C THR F 16 -22.22 -12.62 43.04
N VAL F 17 -21.87 -12.86 41.77
CA VAL F 17 -21.34 -14.15 41.35
C VAL F 17 -20.15 -13.89 40.42
N THR F 18 -19.19 -14.82 40.43
CA THR F 18 -17.98 -14.71 39.62
C THR F 18 -17.77 -16.00 38.83
N LEU F 19 -17.96 -15.92 37.52
CA LEU F 19 -17.67 -17.03 36.62
C LEU F 19 -16.23 -16.95 36.16
N THR F 20 -15.57 -18.11 36.09
CA THR F 20 -14.13 -18.16 35.91
C THR F 20 -13.78 -19.03 34.70
N CYS F 21 -12.63 -18.70 34.09
CA CYS F 21 -12.25 -19.24 32.79
C CYS F 21 -10.72 -19.36 32.78
N GLY F 22 -10.22 -20.60 32.79
CA GLY F 22 -8.80 -20.84 32.80
C GLY F 22 -8.33 -21.76 31.67
N PHE F 23 -7.01 -21.80 31.51
CA PHE F 23 -6.38 -22.86 30.74
C PHE F 23 -6.02 -24.03 31.64
N ILE F 24 -5.94 -25.22 31.05
CA ILE F 24 -5.45 -26.39 31.78
C ILE F 24 -4.01 -26.17 32.22
N SER F 25 -3.18 -25.68 31.31
CA SER F 25 -1.75 -25.44 31.59
C SER F 25 -1.38 -24.10 30.97
N GLY F 26 -1.27 -23.06 31.81
CA GLY F 26 -0.94 -21.75 31.33
C GLY F 26 -1.75 -20.64 31.99
N SER F 27 -1.42 -19.39 31.68
CA SER F 27 -2.08 -18.24 32.26
C SER F 27 -2.83 -17.47 31.17
N VAL F 28 -4.05 -17.03 31.49
CA VAL F 28 -4.84 -16.22 30.59
C VAL F 28 -4.44 -14.76 30.81
N THR F 29 -3.93 -14.13 29.76
CA THR F 29 -3.50 -12.74 29.79
C THR F 29 -4.32 -11.93 28.80
N GLY F 30 -4.00 -10.64 28.69
CA GLY F 30 -4.69 -9.79 27.74
C GLY F 30 -4.42 -10.18 26.29
N THR F 31 -3.29 -10.85 26.05
CA THR F 31 -2.97 -11.30 24.70
C THR F 31 -3.92 -12.39 24.22
N ASN F 32 -4.63 -13.05 25.13
CA ASN F 32 -5.66 -14.00 24.74
C ASN F 32 -6.97 -13.33 24.36
N TYR F 33 -7.10 -12.03 24.61
CA TYR F 33 -8.30 -11.26 24.30
C TYR F 33 -9.59 -11.98 24.74
N PRO F 34 -9.75 -12.23 26.05
CA PRO F 34 -10.91 -12.99 26.51
C PRO F 34 -12.21 -12.28 26.17
N SER F 35 -13.22 -13.07 25.79
CA SER F 35 -14.55 -12.57 25.50
C SER F 35 -15.57 -13.42 26.23
N TRP F 36 -16.61 -12.78 26.72
CA TRP F 36 -17.69 -13.44 27.45
C TRP F 36 -19.00 -13.22 26.71
N PHE F 37 -19.68 -14.33 26.40
CA PHE F 37 -20.97 -14.33 25.72
C PHE F 37 -22.04 -14.90 26.63
N GLN F 38 -23.28 -14.51 26.40
CA GLN F 38 -24.44 -15.02 27.11
C GLN F 38 -25.42 -15.62 26.12
N GLN F 39 -25.94 -16.81 26.41
CA GLN F 39 -26.86 -17.48 25.52
C GLN F 39 -28.03 -18.06 26.32
N THR F 40 -29.22 -17.79 25.86
CA THR F 40 -30.42 -18.44 26.34
C THR F 40 -30.88 -19.49 25.33
N PRO F 41 -31.57 -20.53 25.78
CA PRO F 41 -31.98 -21.59 24.84
C PRO F 41 -32.82 -21.04 23.70
N GLY F 42 -32.54 -21.55 22.49
CA GLY F 42 -33.27 -21.11 21.32
C GLY F 42 -32.95 -19.71 20.86
N GLN F 43 -31.81 -19.15 21.28
CA GLN F 43 -31.44 -17.79 20.92
C GLN F 43 -29.94 -17.75 20.64
N PRO F 44 -29.50 -16.96 19.65
CA PRO F 44 -28.07 -16.86 19.39
C PRO F 44 -27.35 -16.18 20.53
N PRO F 45 -26.07 -16.47 20.74
CA PRO F 45 -25.33 -15.81 21.82
C PRO F 45 -25.19 -14.32 21.55
N ARG F 46 -25.09 -13.55 22.63
CA ARG F 46 -24.86 -12.11 22.54
C ARG F 46 -23.61 -11.77 23.35
N LEU F 47 -22.82 -10.84 22.81
CA LEU F 47 -21.54 -10.49 23.41
C LEU F 47 -21.76 -9.66 24.68
N LEU F 48 -21.13 -10.08 25.77
CA LEU F 48 -21.15 -9.34 27.02
C LEU F 48 -19.86 -8.59 27.27
N ILE F 49 -18.72 -9.25 27.13
CA ILE F 49 -17.42 -8.65 27.45
C ILE F 49 -16.46 -8.94 26.31
N TYR F 50 -15.70 -7.93 25.90
CA TYR F 50 -14.60 -8.09 24.97
C TYR F 50 -13.36 -7.41 25.53
N TYR F 51 -12.19 -7.90 25.12
CA TYR F 51 -10.89 -7.47 25.65
C TYR F 51 -10.78 -7.67 27.16
N ALA F 52 -11.62 -8.54 27.71
CA ALA F 52 -11.56 -9.01 29.10
C ALA F 52 -11.98 -7.97 30.12
N ASN F 53 -12.17 -6.71 29.71
CA ASN F 53 -12.67 -5.71 30.63
C ASN F 53 -13.63 -4.71 29.99
N SER F 54 -13.89 -4.79 28.70
CA SER F 54 -14.72 -3.83 28.00
C SER F 54 -16.07 -4.45 27.66
N ARG F 55 -17.12 -3.65 27.78
CA ARG F 55 -18.46 -4.11 27.47
C ARG F 55 -19.13 -3.16 26.50
N PRO F 56 -20.01 -3.67 25.64
CA PRO F 56 -20.71 -2.79 24.69
C PRO F 56 -21.64 -1.83 25.42
N THR F 57 -22.07 -0.81 24.68
CA THR F 57 -22.93 0.21 25.25
C THR F 57 -24.26 -0.37 25.70
N GLU F 58 -24.83 -1.28 24.91
CA GLU F 58 -26.15 -1.83 25.22
C GLU F 58 -26.11 -2.83 26.38
N VAL F 59 -24.95 -3.38 26.70
CA VAL F 59 -24.86 -4.36 27.80
C VAL F 59 -24.97 -3.62 29.13
N PRO F 60 -25.77 -4.11 30.07
CA PRO F 60 -25.93 -3.40 31.35
C PRO F 60 -24.65 -3.38 32.15
N SER F 61 -24.59 -2.44 33.10
CA SER F 61 -23.42 -2.25 33.94
C SER F 61 -23.23 -3.35 34.98
N ARG F 62 -24.20 -4.27 35.11
CA ARG F 62 -24.06 -5.35 36.07
C ARG F 62 -22.85 -6.22 35.75
N PHE F 63 -22.65 -6.53 34.46
CA PHE F 63 -21.57 -7.42 34.06
C PHE F 63 -20.25 -6.67 34.04
N SER F 64 -19.22 -7.29 34.62
CA SER F 64 -17.88 -6.73 34.61
C SER F 64 -16.90 -7.84 34.24
N GLY F 65 -15.81 -7.45 33.58
CA GLY F 65 -14.77 -8.40 33.21
C GLY F 65 -13.46 -8.05 33.89
N ALA F 66 -12.66 -9.08 34.14
CA ALA F 66 -11.35 -8.88 34.75
C ALA F 66 -10.46 -10.07 34.41
N ILE F 67 -9.16 -9.89 34.62
CA ILE F 67 -8.19 -10.97 34.55
C ILE F 67 -7.54 -11.08 35.92
N SER F 68 -7.90 -12.11 36.66
CA SER F 68 -7.43 -12.29 38.03
C SER F 68 -6.98 -13.72 38.23
N GLY F 69 -5.91 -13.89 38.99
CA GLY F 69 -5.41 -15.22 39.29
C GLY F 69 -5.06 -16.02 38.05
N ASN F 70 -4.51 -15.36 37.04
CA ASN F 70 -4.17 -15.96 35.76
C ASN F 70 -5.38 -16.56 35.05
N LYS F 71 -6.57 -16.08 35.37
CA LYS F 71 -7.79 -16.63 34.79
C LYS F 71 -8.74 -15.48 34.49
N ALA F 72 -9.52 -15.62 33.42
CA ALA F 72 -10.50 -14.61 33.07
C ALA F 72 -11.74 -14.77 33.95
N ALA F 73 -12.29 -13.63 34.38
CA ALA F 73 -13.40 -13.65 35.32
C ALA F 73 -14.49 -12.68 34.89
N LEU F 74 -15.73 -13.18 34.86
CA LEU F 74 -16.91 -12.38 34.60
C LEU F 74 -17.72 -12.27 35.88
N THR F 75 -17.87 -11.06 36.39
CA THR F 75 -18.57 -10.80 37.65
C THR F 75 -19.93 -10.21 37.35
N ILE F 76 -20.97 -10.84 37.88
CA ILE F 76 -22.33 -10.32 37.81
C ILE F 76 -22.70 -9.83 39.20
N THR F 77 -22.96 -8.53 39.32
CA THR F 77 -23.31 -7.92 40.60
C THR F 77 -24.77 -7.46 40.54
N GLY F 78 -25.52 -7.80 41.58
CA GLY F 78 -26.94 -7.49 41.60
C GLY F 78 -27.69 -8.24 40.52
N ALA F 79 -27.45 -9.55 40.42
CA ALA F 79 -28.03 -10.35 39.35
C ALA F 79 -29.55 -10.27 39.36
N GLN F 80 -30.11 -10.06 38.17
CA GLN F 80 -31.56 -10.01 38.00
C GLN F 80 -32.06 -11.39 37.60
N ALA F 81 -33.37 -11.48 37.34
CA ALA F 81 -33.94 -12.74 36.89
C ALA F 81 -33.58 -13.05 35.45
N GLU F 82 -33.12 -12.06 34.69
CA GLU F 82 -32.78 -12.24 33.28
C GLU F 82 -31.38 -12.79 33.08
N ASP F 83 -30.62 -13.00 34.16
CA ASP F 83 -29.22 -13.42 34.07
C ASP F 83 -29.05 -14.93 34.09
N GLU F 84 -30.14 -15.70 34.14
CA GLU F 84 -30.05 -17.15 34.15
C GLU F 84 -29.88 -17.64 32.71
N ALA F 85 -28.67 -18.09 32.38
CA ALA F 85 -28.35 -18.48 31.01
C ALA F 85 -27.00 -19.19 31.01
N ASP F 86 -26.57 -19.60 29.82
CA ASP F 86 -25.27 -20.24 29.65
C ASP F 86 -24.27 -19.17 29.23
N TYR F 87 -23.19 -19.03 29.98
CA TYR F 87 -22.15 -18.05 29.71
C TYR F 87 -20.93 -18.77 29.13
N PHE F 88 -20.45 -18.28 27.99
CA PHE F 88 -19.34 -18.87 27.27
C PHE F 88 -18.14 -17.92 27.25
N CYS F 89 -16.97 -18.52 27.06
CA CYS F 89 -15.67 -17.86 27.16
C CYS F 89 -14.92 -18.13 25.85
N CYS F 90 -14.72 -17.09 25.05
CA CYS F 90 -13.86 -17.16 23.87
C CYS F 90 -12.46 -16.68 24.21
N LEU F 91 -11.46 -17.48 23.87
CA LEU F 91 -10.06 -17.11 24.06
C LEU F 91 -9.30 -17.24 22.76
N TYR F 92 -8.40 -16.30 22.52
CA TYR F 92 -7.55 -16.31 21.34
C TYR F 92 -6.23 -16.99 21.67
N LYS F 93 -5.84 -17.96 20.83
CA LYS F 93 -4.57 -18.66 21.01
C LYS F 93 -4.07 -19.02 19.60
N THR F 94 -3.22 -18.15 19.05
CA THR F 94 -2.75 -18.20 17.67
C THR F 94 -3.88 -17.95 16.67
N ASN F 95 -3.51 -17.62 15.43
CA ASN F 95 -4.48 -17.13 14.45
C ASN F 95 -5.57 -18.15 14.14
N ASN F 96 -5.19 -19.42 13.98
CA ASN F 96 -6.10 -20.44 13.51
C ASN F 96 -6.59 -21.35 14.64
N ASN F 97 -6.62 -20.86 15.87
CA ASN F 97 -7.07 -21.67 17.00
C ASN F 97 -7.78 -20.73 17.97
N ILE F 98 -9.10 -20.65 17.84
CA ILE F 98 -9.95 -19.82 18.70
C ILE F 98 -10.71 -20.78 19.60
N LEU F 99 -10.45 -20.72 20.90
CA LEU F 99 -10.97 -21.69 21.84
C LEU F 99 -12.22 -21.17 22.52
N PHE F 100 -13.15 -22.07 22.81
CA PHE F 100 -14.36 -21.77 23.55
C PHE F 100 -14.41 -22.66 24.80
N GLY F 101 -14.96 -22.12 25.87
CA GLY F 101 -15.12 -22.90 27.08
C GLY F 101 -16.31 -23.83 27.01
N GLY F 102 -16.41 -24.70 28.01
CA GLY F 102 -17.54 -25.60 28.08
C GLY F 102 -18.86 -24.87 28.26
N GLY F 103 -18.86 -23.77 28.98
CA GLY F 103 -20.07 -23.01 29.22
C GLY F 103 -20.62 -23.22 30.62
N THR F 104 -20.79 -22.14 31.37
CA THR F 104 -21.30 -22.22 32.73
C THR F 104 -22.78 -21.84 32.75
N HIS F 105 -23.61 -22.72 33.28
CA HIS F 105 -25.04 -22.45 33.38
C HIS F 105 -25.31 -21.75 34.71
N LEU F 106 -25.67 -20.47 34.64
CA LEU F 106 -25.95 -19.67 35.81
C LEU F 106 -27.45 -19.56 36.01
N THR F 107 -27.92 -19.95 37.19
CA THR F 107 -29.33 -19.90 37.55
C THR F 107 -29.51 -18.95 38.73
N VAL F 108 -30.62 -18.20 38.71
CA VAL F 108 -30.92 -17.20 39.73
C VAL F 108 -32.04 -17.75 40.61
N LEU F 109 -31.76 -17.85 41.90
CA LEU F 109 -32.73 -18.37 42.85
C LEU F 109 -33.73 -17.30 43.26
#